data_4NQK
#
_entry.id   4NQK
#
_cell.length_a   85.539
_cell.length_b   101.851
_cell.length_c   88.151
_cell.angle_alpha   90.00
_cell.angle_beta   106.88
_cell.angle_gamma   90.00
#
_symmetry.space_group_name_H-M   'P 1 21 1'
#
loop_
_entity.id
_entity.type
_entity.pdbx_description
1 polymer 'Probable ATP-dependent RNA helicase DDX58'
2 polymer Ubiquitin
#
loop_
_entity_poly.entity_id
_entity_poly.type
_entity_poly.pdbx_seq_one_letter_code
_entity_poly.pdbx_strand_id
1 'polypeptide(L)'
;GPGMTTEQRRSLQAFQDYIRKTLDPTYILSYMAPWFREEEVQYIQAEKNNKGPMEAATLFLKFLLELQEEGWFRGFLDAL
DHAGYSGLYEAIESWDFKKIEKLEEYRLLLKRLQPEFKTRIIPTDIISDLSECLINQECEEILQICSTKGMMAGAEKLVE
CLLRSDKENWPKTLKLALEKERNKFSELWIVEKGIKDVETEDL
;
A,B,C,D
2 'polypeptide(L)' GPGMQIFVKTLTGKTITLEVEPSDTIENVKAKIQDKEGIPPDQQRLIFAGKQLEDGRTLSDYNIQKESTLHLVLRLRGG E,F,G,H,I,J
#
# COMPACT_ATOMS: atom_id res chain seq x y z
N MET A 4 18.40 -35.36 22.37
CA MET A 4 19.32 -35.38 21.20
C MET A 4 19.24 -34.02 20.46
N THR A 5 18.02 -33.55 20.29
CA THR A 5 17.67 -32.26 19.66
C THR A 5 17.77 -30.98 20.57
N THR A 6 17.37 -31.16 21.81
CA THR A 6 17.34 -30.08 22.80
C THR A 6 18.65 -29.28 22.85
N GLU A 7 19.78 -29.95 22.60
CA GLU A 7 21.10 -29.35 22.71
C GLU A 7 21.24 -28.12 21.80
N GLN A 8 20.82 -28.32 20.56
CA GLN A 8 20.92 -27.28 19.56
C GLN A 8 19.79 -26.33 19.86
N ARG A 9 18.66 -26.83 20.40
CA ARG A 9 17.65 -25.86 20.86
C ARG A 9 18.24 -24.91 21.92
N ARG A 10 19.03 -25.43 22.86
CA ARG A 10 19.62 -24.60 23.91
C ARG A 10 20.64 -23.60 23.38
N SER A 11 21.55 -24.07 22.53
CA SER A 11 22.51 -23.17 21.91
C SER A 11 21.82 -22.11 21.07
N LEU A 12 20.74 -22.50 20.38
CA LEU A 12 19.94 -21.56 19.62
C LEU A 12 19.40 -20.51 20.59
N GLN A 13 18.83 -20.96 21.71
CA GLN A 13 18.31 -20.03 22.71
C GLN A 13 19.35 -19.00 23.14
N ALA A 14 20.57 -19.48 23.41
CA ALA A 14 21.68 -18.59 23.80
C ALA A 14 22.00 -17.47 22.79
N PHE A 15 22.11 -17.82 21.52
CA PHE A 15 22.55 -16.87 20.49
C PHE A 15 21.40 -16.09 19.86
N GLN A 16 20.27 -16.11 20.54
CA GLN A 16 19.12 -15.32 20.12
C GLN A 16 19.51 -13.88 20.39
N ASP A 17 18.65 -12.95 19.99
CA ASP A 17 18.87 -11.51 20.14
C ASP A 17 19.90 -11.02 19.14
N TYR A 18 20.89 -11.85 18.83
CA TYR A 18 21.81 -11.57 17.75
C TYR A 18 21.03 -11.89 16.48
N ILE A 19 20.38 -13.05 16.50
CA ILE A 19 19.56 -13.54 15.40
C ILE A 19 18.45 -12.58 14.98
N ARG A 20 17.59 -12.27 15.93
CA ARG A 20 16.37 -11.52 15.63
C ARG A 20 16.62 -10.13 15.07
N LYS A 21 17.66 -9.44 15.52
CA LYS A 21 17.88 -8.08 15.04
C LYS A 21 18.63 -8.11 13.71
N THR A 22 19.07 -9.31 13.32
CA THR A 22 19.71 -9.50 12.02
C THR A 22 18.79 -10.11 10.93
N LEU A 23 17.58 -10.52 11.31
CA LEU A 23 16.76 -11.39 10.46
C LEU A 23 15.32 -10.96 10.18
N ASP A 24 14.93 -11.16 8.91
CA ASP A 24 13.55 -11.04 8.43
C ASP A 24 13.07 -12.45 8.04
N PRO A 25 12.16 -13.06 8.83
CA PRO A 25 11.82 -14.50 8.70
C PRO A 25 11.04 -14.96 7.46
N THR A 26 10.23 -14.12 6.87
CA THR A 26 9.30 -14.53 5.83
C THR A 26 10.03 -15.12 4.61
N TYR A 27 11.27 -14.68 4.41
CA TYR A 27 12.04 -15.12 3.27
C TYR A 27 12.47 -16.59 3.47
N ILE A 28 13.07 -16.86 4.63
CA ILE A 28 13.50 -18.22 4.88
C ILE A 28 12.27 -19.07 5.13
N LEU A 29 11.13 -18.44 5.41
CA LEU A 29 9.85 -19.16 5.39
C LEU A 29 9.47 -19.61 3.99
N SER A 30 9.60 -18.73 3.00
CA SER A 30 9.44 -19.17 1.62
C SER A 30 10.23 -20.45 1.49
N TYR A 31 11.45 -20.45 2.04
CA TYR A 31 12.24 -21.70 2.04
C TYR A 31 11.80 -22.83 3.01
N MET A 32 11.32 -22.50 4.21
CA MET A 32 11.13 -23.49 5.30
C MET A 32 9.86 -24.35 5.25
N ALA A 33 9.08 -24.25 4.19
CA ALA A 33 7.70 -24.77 4.13
C ALA A 33 7.40 -26.11 4.84
N PRO A 34 8.20 -27.16 4.60
CA PRO A 34 7.74 -28.44 5.15
C PRO A 34 7.71 -28.54 6.68
N TRP A 35 8.44 -27.68 7.39
CA TRP A 35 8.49 -27.76 8.85
C TRP A 35 7.39 -26.98 9.57
N PHE A 36 6.74 -26.05 8.87
CA PHE A 36 5.70 -25.22 9.46
C PHE A 36 4.33 -25.64 8.95
N ARG A 37 3.29 -25.09 9.57
CA ARG A 37 1.97 -25.14 8.96
C ARG A 37 2.07 -24.29 7.73
N GLU A 38 1.29 -24.62 6.70
CA GLU A 38 1.21 -23.74 5.55
C GLU A 38 0.62 -22.43 6.10
N GLU A 39 -0.27 -22.58 7.08
CA GLU A 39 -0.77 -21.47 7.90
C GLU A 39 0.37 -21.09 8.86
N GLU A 40 0.19 -20.10 9.70
CA GLU A 40 1.19 -19.73 10.72
C GLU A 40 2.42 -19.07 10.09
N VAL A 41 2.66 -19.37 8.83
CA VAL A 41 3.60 -18.63 8.01
C VAL A 41 2.94 -17.26 7.85
N GLN A 42 1.63 -17.31 7.65
CA GLN A 42 0.82 -16.11 7.52
C GLN A 42 0.81 -15.32 8.82
N TYR A 43 0.78 -16.01 9.97
CA TYR A 43 0.90 -15.35 11.27
C TYR A 43 2.15 -14.47 11.31
N ILE A 44 3.30 -15.12 11.09
CA ILE A 44 4.58 -14.42 11.04
C ILE A 44 4.55 -13.30 10.00
N GLN A 45 3.95 -13.56 8.83
CA GLN A 45 3.88 -12.53 7.79
C GLN A 45 3.04 -11.32 8.24
N ALA A 46 1.92 -11.60 8.90
CA ALA A 46 1.02 -10.55 9.35
C ALA A 46 1.73 -9.76 10.43
N GLU A 47 2.55 -10.46 11.18
CA GLU A 47 3.38 -9.80 12.18
C GLU A 47 4.47 -8.96 11.54
N LYS A 48 5.09 -9.43 10.47
CA LYS A 48 6.04 -8.58 9.77
C LYS A 48 5.37 -7.29 9.35
N ASN A 49 4.28 -7.36 8.60
CA ASN A 49 3.67 -6.11 8.12
C ASN A 49 2.86 -5.36 9.17
N ASN A 50 2.56 -6.00 10.30
CA ASN A 50 1.93 -5.30 11.43
C ASN A 50 2.97 -4.70 12.38
N LYS A 51 3.76 -5.55 13.03
CA LYS A 51 4.72 -5.12 14.05
C LYS A 51 6.07 -4.66 13.50
N GLY A 52 6.45 -5.18 12.33
CA GLY A 52 7.74 -4.90 11.74
C GLY A 52 8.54 -6.20 11.68
N PRO A 53 9.67 -6.20 10.97
CA PRO A 53 10.39 -7.46 10.76
C PRO A 53 10.97 -8.12 12.02
N MET A 54 11.45 -7.33 12.97
CA MET A 54 12.11 -7.91 14.15
C MET A 54 11.15 -8.70 15.04
N GLU A 55 10.05 -8.07 15.45
CA GLU A 55 9.10 -8.77 16.29
C GLU A 55 8.53 -10.00 15.54
N ALA A 56 8.32 -9.83 14.24
CA ALA A 56 7.95 -10.96 13.41
C ALA A 56 8.99 -12.06 13.57
N ALA A 57 10.26 -11.66 13.54
CA ALA A 57 11.36 -12.60 13.78
C ALA A 57 11.27 -13.24 15.17
N THR A 58 11.05 -12.47 16.24
CA THR A 58 11.02 -13.08 17.58
C THR A 58 9.87 -14.09 17.68
N LEU A 59 8.81 -13.85 16.91
CA LEU A 59 7.76 -14.86 16.82
C LEU A 59 8.25 -16.08 16.06
N PHE A 60 8.93 -15.85 14.94
CA PHE A 60 9.56 -16.94 14.21
C PHE A 60 10.47 -17.74 15.14
N LEU A 61 11.11 -17.06 16.08
CA LEU A 61 11.92 -17.73 17.11
C LEU A 61 11.04 -18.59 18.01
N LYS A 62 10.00 -17.98 18.57
CA LYS A 62 9.05 -18.72 19.42
C LYS A 62 8.67 -20.02 18.75
N PHE A 63 8.39 -19.93 17.46
CA PHE A 63 7.98 -21.09 16.68
C PHE A 63 9.16 -22.01 16.37
N LEU A 64 10.33 -21.41 16.13
CA LEU A 64 11.56 -22.16 15.84
C LEU A 64 11.84 -23.16 16.93
N LEU A 65 11.89 -22.68 18.17
CA LEU A 65 12.30 -23.55 19.27
C LEU A 65 11.38 -24.75 19.47
N GLU A 66 10.07 -24.50 19.42
CA GLU A 66 9.07 -25.55 19.66
C GLU A 66 9.02 -26.68 18.61
N LEU A 67 9.79 -26.55 17.52
CA LEU A 67 9.68 -27.50 16.42
C LEU A 67 10.19 -28.89 16.80
N GLN A 68 9.29 -29.88 16.74
CA GLN A 68 9.62 -31.28 17.02
C GLN A 68 10.17 -32.02 15.82
N GLU A 69 9.54 -31.79 14.66
CA GLU A 69 9.66 -32.64 13.48
C GLU A 69 11.07 -32.72 12.93
N GLU A 70 11.39 -33.86 12.30
CA GLU A 70 12.75 -34.15 11.85
C GLU A 70 13.38 -33.13 10.92
N GLY A 71 14.70 -32.98 11.06
CA GLY A 71 15.49 -32.19 10.14
C GLY A 71 15.38 -30.69 10.27
N TRP A 72 14.57 -30.25 11.23
CA TRP A 72 14.26 -28.82 11.36
C TRP A 72 15.47 -27.90 11.46
N PHE A 73 16.53 -28.36 12.12
CA PHE A 73 17.70 -27.50 12.35
C PHE A 73 18.48 -27.24 11.09
N ARG A 74 19.03 -28.30 10.53
CA ARG A 74 19.80 -28.19 9.30
C ARG A 74 18.90 -27.66 8.19
N GLY A 75 17.59 -27.90 8.33
CA GLY A 75 16.61 -27.28 7.47
C GLY A 75 16.67 -25.77 7.61
N PHE A 76 16.59 -25.30 8.84
CA PHE A 76 16.74 -23.88 9.15
C PHE A 76 18.03 -23.33 8.57
N LEU A 77 19.15 -24.02 8.80
CA LEU A 77 20.44 -23.58 8.26
C LEU A 77 20.35 -23.44 6.75
N ASP A 78 19.88 -24.48 6.08
CA ASP A 78 19.76 -24.47 4.63
C ASP A 78 18.89 -23.32 4.17
N ALA A 79 17.82 -23.06 4.94
CA ALA A 79 16.93 -21.93 4.67
C ALA A 79 17.71 -20.63 4.73
N LEU A 80 18.47 -20.40 5.80
CA LEU A 80 19.33 -19.22 5.87
C LEU A 80 20.28 -19.10 4.69
N ASP A 81 21.04 -20.18 4.42
CA ASP A 81 22.02 -20.12 3.34
C ASP A 81 21.42 -19.73 2.02
N HIS A 82 20.38 -20.46 1.63
CA HIS A 82 19.79 -20.31 0.32
C HIS A 82 18.96 -19.02 0.20
N ALA A 83 18.61 -18.44 1.33
CA ALA A 83 17.84 -17.20 1.33
C ALA A 83 18.71 -15.94 1.21
N GLY A 84 20.02 -16.07 1.40
CA GLY A 84 20.92 -14.93 1.35
C GLY A 84 21.39 -14.47 2.72
N TYR A 85 21.00 -15.21 3.75
CA TYR A 85 21.36 -14.92 5.14
C TYR A 85 22.71 -15.51 5.52
N SER A 86 23.48 -15.93 4.52
CA SER A 86 24.77 -16.53 4.77
C SER A 86 25.67 -15.53 5.50
N GLY A 87 26.45 -16.03 6.45
CA GLY A 87 27.29 -15.24 7.33
C GLY A 87 26.64 -15.13 8.69
N LEU A 88 25.31 -15.23 8.70
CA LEU A 88 24.56 -15.48 9.91
C LEU A 88 24.63 -16.97 10.09
N TYR A 89 24.38 -17.64 8.97
CA TYR A 89 24.45 -19.08 8.87
C TYR A 89 25.83 -19.57 9.31
N GLU A 90 26.88 -18.94 8.80
CA GLU A 90 28.25 -19.29 9.21
C GLU A 90 28.37 -19.29 10.72
N ALA A 91 27.97 -18.18 11.32
CA ALA A 91 28.15 -17.98 12.73
C ALA A 91 27.25 -18.95 13.52
N ILE A 92 26.08 -19.27 12.98
CA ILE A 92 25.19 -20.18 13.70
C ILE A 92 25.63 -21.63 13.54
N GLU A 93 26.23 -21.97 12.40
CA GLU A 93 26.71 -23.34 12.23
C GLU A 93 27.94 -23.57 13.08
N SER A 94 28.79 -22.55 13.18
CA SER A 94 29.98 -22.65 14.03
C SER A 94 29.76 -22.19 15.49
N TRP A 95 28.58 -21.65 15.78
CA TRP A 95 28.27 -21.10 17.12
C TRP A 95 29.25 -20.01 17.61
N ASP A 96 29.77 -19.20 16.69
CA ASP A 96 30.62 -18.06 17.05
C ASP A 96 30.29 -16.81 16.22
N PHE A 97 29.90 -15.74 16.90
CA PHE A 97 29.32 -14.53 16.28
C PHE A 97 30.27 -13.33 16.03
N LYS A 98 31.59 -13.52 16.16
CA LYS A 98 32.58 -12.42 16.18
C LYS A 98 32.31 -11.27 15.17
N LYS A 99 32.09 -11.69 13.94
CA LYS A 99 31.85 -10.79 12.84
C LYS A 99 30.60 -9.91 13.07
N ILE A 100 29.50 -10.55 13.44
CA ILE A 100 28.22 -9.87 13.59
C ILE A 100 28.29 -8.73 14.63
N GLU A 101 29.19 -8.88 15.60
CA GLU A 101 29.37 -7.87 16.64
C GLU A 101 30.22 -6.71 16.10
N LYS A 102 31.30 -7.06 15.40
CA LYS A 102 32.08 -6.01 14.71
C LYS A 102 31.14 -5.16 13.80
N LEU A 103 30.22 -5.89 13.19
CA LEU A 103 29.13 -5.26 12.48
C LEU A 103 28.32 -4.36 13.40
N GLU A 104 27.88 -4.89 14.55
CA GLU A 104 27.13 -4.08 15.54
C GLU A 104 27.79 -2.71 15.73
N GLU A 105 29.13 -2.71 15.76
CA GLU A 105 29.87 -1.44 15.71
C GLU A 105 29.39 -0.58 14.54
N TYR A 106 29.68 -1.03 13.31
CA TYR A 106 29.35 -0.11 12.20
C TYR A 106 27.86 0.19 12.04
N ARG A 107 27.05 -0.73 12.54
CA ARG A 107 25.60 -0.62 12.55
C ARG A 107 25.19 0.56 13.40
N LEU A 108 25.70 0.62 14.63
CA LEU A 108 25.39 1.77 15.47
C LEU A 108 25.91 3.07 14.84
N LEU A 109 27.09 3.04 14.22
CA LEU A 109 27.56 4.27 13.52
C LEU A 109 26.52 4.77 12.49
N LEU A 110 26.14 3.90 11.55
CA LEU A 110 25.12 4.30 10.57
C LEU A 110 23.88 4.84 11.27
N LYS A 111 23.40 4.10 12.27
CA LYS A 111 22.23 4.54 13.03
C LYS A 111 22.38 5.98 13.50
N ARG A 112 23.59 6.32 13.94
CA ARG A 112 23.88 7.70 14.35
C ARG A 112 24.05 8.69 13.20
N LEU A 113 24.47 8.22 12.02
CA LEU A 113 24.63 9.12 10.87
C LEU A 113 23.41 9.16 9.96
N GLN A 114 22.36 8.43 10.33
CA GLN A 114 21.14 8.30 9.53
C GLN A 114 20.57 9.58 8.83
N PRO A 115 20.50 10.74 9.51
CA PRO A 115 19.88 11.86 8.77
C PRO A 115 20.66 12.33 7.53
N GLU A 116 21.98 12.42 7.68
CA GLU A 116 22.82 12.89 6.61
C GLU A 116 22.80 11.84 5.52
N PHE A 117 22.75 10.58 5.95
CA PHE A 117 22.53 9.48 5.02
C PHE A 117 21.27 9.71 4.21
N LYS A 118 20.15 9.91 4.89
CA LYS A 118 18.88 10.17 4.23
C LYS A 118 19.02 11.27 3.18
N THR A 119 19.49 12.44 3.59
CA THR A 119 19.57 13.57 2.65
C THR A 119 20.61 13.39 1.54
N ARG A 120 21.76 12.81 1.89
CA ARG A 120 22.91 12.72 0.99
C ARG A 120 22.74 11.69 -0.13
N ILE A 121 22.01 10.61 0.16
CA ILE A 121 22.06 9.40 -0.67
C ILE A 121 20.99 9.28 -1.75
N ILE A 122 21.42 8.78 -2.90
CA ILE A 122 20.54 8.45 -4.02
C ILE A 122 20.59 6.93 -4.25
N PRO A 123 19.65 6.17 -3.65
CA PRO A 123 19.68 4.69 -3.64
C PRO A 123 19.50 4.00 -5.00
N THR A 124 20.48 4.09 -5.90
CA THR A 124 20.34 3.55 -7.26
C THR A 124 21.60 2.73 -7.68
N ASP A 125 22.67 3.49 -7.91
CA ASP A 125 23.96 2.99 -8.36
C ASP A 125 24.46 2.08 -7.24
N ILE A 126 24.22 2.61 -6.05
CA ILE A 126 24.72 1.99 -4.87
C ILE A 126 23.94 0.71 -4.71
N ILE A 127 22.65 0.70 -5.01
CA ILE A 127 21.91 -0.52 -4.78
C ILE A 127 22.52 -1.58 -5.63
N SER A 128 22.85 -1.31 -6.88
CA SER A 128 23.50 -2.40 -7.64
C SER A 128 24.68 -3.01 -6.85
N ASP A 129 25.59 -2.16 -6.41
CA ASP A 129 26.74 -2.72 -5.69
C ASP A 129 26.36 -3.38 -4.33
N LEU A 130 25.65 -2.64 -3.51
CA LEU A 130 25.31 -3.23 -2.25
C LEU A 130 24.02 -4.07 -2.42
N SER A 131 23.59 -4.27 -3.67
CA SER A 131 22.65 -5.35 -3.98
C SER A 131 23.49 -6.59 -3.85
N GLU A 132 24.75 -6.52 -4.34
CA GLU A 132 25.64 -7.64 -3.97
C GLU A 132 25.56 -7.76 -2.46
N CYS A 133 25.51 -6.62 -1.77
CA CYS A 133 25.39 -6.71 -0.29
C CYS A 133 24.05 -7.04 0.42
N LEU A 134 22.91 -7.12 -0.27
CA LEU A 134 21.60 -7.31 0.44
C LEU A 134 20.74 -8.47 -0.04
N ILE A 135 19.70 -8.77 0.72
CA ILE A 135 18.70 -9.74 0.30
C ILE A 135 17.88 -9.09 -0.82
N ASN A 136 17.41 -9.92 -1.75
CA ASN A 136 16.76 -9.42 -2.96
C ASN A 136 15.41 -8.72 -2.72
N GLN A 137 14.56 -9.36 -1.92
CA GLN A 137 13.24 -8.82 -1.61
C GLN A 137 13.40 -7.37 -1.12
N GLU A 138 14.37 -7.19 -0.24
CA GLU A 138 14.68 -5.88 0.29
C GLU A 138 15.06 -4.91 -0.82
N CYS A 139 16.00 -5.29 -1.68
CA CYS A 139 16.46 -4.39 -2.72
C CYS A 139 15.30 -3.92 -3.59
N GLU A 140 14.55 -4.86 -4.14
CA GLU A 140 13.50 -4.46 -5.06
C GLU A 140 12.39 -3.73 -4.31
N GLU A 141 12.25 -4.01 -3.01
CA GLU A 141 11.42 -3.14 -2.18
C GLU A 141 11.99 -1.73 -2.17
N ILE A 142 13.29 -1.57 -1.93
CA ILE A 142 13.89 -0.24 -1.86
C ILE A 142 13.55 0.54 -3.12
N LEU A 143 13.77 -0.11 -4.27
CA LEU A 143 13.40 0.51 -5.53
C LEU A 143 11.92 0.87 -5.66
N GLN A 144 11.01 -0.06 -5.36
CA GLN A 144 9.59 0.27 -5.45
C GLN A 144 9.28 1.48 -4.57
N ILE A 145 9.95 1.56 -3.42
CA ILE A 145 9.76 2.70 -2.52
C ILE A 145 10.17 3.99 -3.22
N CYS A 146 11.46 4.15 -3.53
CA CYS A 146 11.88 5.43 -4.12
C CYS A 146 11.29 5.66 -5.49
N SER A 147 10.73 4.63 -6.11
CA SER A 147 10.01 4.85 -7.34
C SER A 147 8.68 5.52 -7.02
N THR A 148 7.96 5.03 -6.02
CA THR A 148 6.69 5.66 -5.64
C THR A 148 6.69 6.64 -4.45
N LYS A 149 7.74 6.65 -3.63
CA LYS A 149 7.74 7.53 -2.45
C LYS A 149 8.84 8.62 -2.40
N GLY A 150 9.77 8.58 -3.34
CA GLY A 150 10.86 9.54 -3.40
C GLY A 150 12.17 8.98 -2.87
N MET A 151 13.26 9.69 -3.16
CA MET A 151 14.62 9.19 -2.92
C MET A 151 14.99 8.98 -1.45
N MET A 152 14.59 9.91 -0.59
CA MET A 152 14.86 9.80 0.84
C MET A 152 14.18 8.59 1.44
N ALA A 153 12.88 8.42 1.21
CA ALA A 153 12.15 7.28 1.75
C ALA A 153 12.86 5.97 1.41
N GLY A 154 13.25 5.85 0.14
CA GLY A 154 14.01 4.71 -0.34
C GLY A 154 15.28 4.51 0.46
N ALA A 155 16.08 5.57 0.54
CA ALA A 155 17.30 5.53 1.33
C ALA A 155 17.00 5.11 2.77
N GLU A 156 15.93 5.67 3.31
CA GLU A 156 15.50 5.42 4.66
C GLU A 156 15.30 3.91 4.84
N LYS A 157 14.64 3.30 3.87
CA LYS A 157 14.49 1.86 3.91
C LYS A 157 15.87 1.22 3.70
N LEU A 158 16.72 1.84 2.91
CA LEU A 158 18.08 1.32 2.69
C LEU A 158 18.87 1.19 4.00
N VAL A 159 18.93 2.27 4.79
CA VAL A 159 19.59 2.23 6.10
C VAL A 159 18.89 1.17 6.96
N GLU A 160 17.56 1.17 6.97
CA GLU A 160 16.85 0.14 7.71
C GLU A 160 17.36 -1.26 7.37
N CYS A 161 17.44 -1.57 6.08
CA CYS A 161 17.92 -2.88 5.64
C CYS A 161 19.41 -3.09 5.96
N LEU A 162 20.20 -2.03 5.91
CA LEU A 162 21.62 -2.15 6.18
C LEU A 162 21.90 -2.51 7.62
N LEU A 163 21.20 -1.86 8.54
CA LEU A 163 21.37 -2.20 9.94
C LEU A 163 21.07 -3.67 10.22
N ARG A 164 20.15 -4.21 9.44
CA ARG A 164 19.74 -5.59 9.64
C ARG A 164 20.73 -6.56 8.96
N SER A 165 21.53 -6.05 8.01
CA SER A 165 22.42 -6.90 7.19
C SER A 165 23.47 -7.67 8.00
N ASP A 166 23.64 -8.94 7.66
CA ASP A 166 24.62 -9.83 8.31
C ASP A 166 25.93 -10.01 7.56
N LYS A 167 26.09 -9.33 6.43
CA LYS A 167 27.26 -9.53 5.56
C LYS A 167 28.51 -8.95 6.19
N GLU A 168 29.53 -9.78 6.29
CA GLU A 168 30.78 -9.45 6.98
C GLU A 168 31.35 -8.08 6.59
N ASN A 169 31.50 -7.84 5.29
CA ASN A 169 32.20 -6.63 4.82
C ASN A 169 31.29 -5.48 4.39
N TRP A 170 29.98 -5.58 4.59
CA TRP A 170 29.05 -4.63 3.96
C TRP A 170 29.39 -3.15 4.18
N PRO A 171 29.91 -2.79 5.37
CA PRO A 171 30.30 -1.36 5.46
C PRO A 171 31.38 -1.00 4.46
N LYS A 172 32.32 -1.91 4.21
CA LYS A 172 33.36 -1.62 3.24
C LYS A 172 32.78 -1.50 1.84
N THR A 173 32.01 -2.50 1.41
CA THR A 173 31.43 -2.48 0.07
C THR A 173 30.60 -1.24 -0.11
N LEU A 174 29.95 -0.79 0.96
CA LEU A 174 29.27 0.50 0.93
C LEU A 174 30.31 1.59 0.66
N LYS A 175 31.36 1.63 1.46
CA LYS A 175 32.41 2.63 1.28
C LYS A 175 32.98 2.63 -0.13
N LEU A 176 33.28 1.45 -0.67
CA LEU A 176 33.78 1.34 -2.04
C LEU A 176 32.74 1.88 -3.01
N ALA A 177 31.49 1.47 -2.82
CA ALA A 177 30.42 1.91 -3.69
C ALA A 177 30.25 3.42 -3.61
N LEU A 178 30.55 3.98 -2.45
CA LEU A 178 30.46 5.43 -2.24
C LEU A 178 31.67 6.23 -2.73
N GLU A 179 32.89 5.71 -2.58
CA GLU A 179 34.08 6.45 -3.01
C GLU A 179 34.08 6.62 -4.52
N LYS A 180 33.32 5.77 -5.18
CA LYS A 180 33.06 5.90 -6.60
C LYS A 180 31.83 6.80 -6.64
N GLU A 181 31.77 7.73 -7.58
CA GLU A 181 30.72 8.76 -7.59
C GLU A 181 30.76 9.48 -6.25
N ARG A 182 31.88 10.15 -5.96
CA ARG A 182 32.15 10.59 -4.58
C ARG A 182 30.95 11.26 -3.90
N ASN A 183 30.59 12.48 -4.30
CA ASN A 183 29.20 12.95 -4.28
C ASN A 183 28.40 12.91 -2.96
N LYS A 184 28.91 12.26 -1.92
CA LYS A 184 28.21 12.12 -0.64
C LYS A 184 29.23 11.93 0.47
N PHE A 185 28.76 11.42 1.60
CA PHE A 185 29.51 11.32 2.84
C PHE A 185 30.66 10.30 2.82
N SER A 186 31.18 9.98 1.64
CA SER A 186 32.37 9.13 1.56
C SER A 186 33.43 9.65 2.53
N GLU A 187 33.50 10.97 2.68
CA GLU A 187 34.12 11.54 3.86
C GLU A 187 32.93 11.67 4.81
N LEU A 188 33.11 11.33 6.08
CA LEU A 188 32.09 11.00 7.12
C LEU A 188 31.80 9.49 7.31
N TRP A 189 31.99 8.66 6.29
CA TRP A 189 31.88 7.21 6.47
C TRP A 189 33.28 6.67 6.33
N ILE A 190 33.87 6.12 7.39
CA ILE A 190 35.23 5.60 7.24
C ILE A 190 35.40 4.26 7.93
N VAL A 191 36.30 3.47 7.36
CA VAL A 191 36.64 2.15 7.85
C VAL A 191 38.03 1.71 7.39
N MET B 4 12.96 18.58 35.78
CA MET B 4 12.93 17.08 35.75
C MET B 4 12.06 16.56 34.59
N THR B 5 12.17 15.25 34.33
CA THR B 5 11.49 14.61 33.20
C THR B 5 9.96 14.36 33.22
N THR B 6 9.44 13.76 34.30
CA THR B 6 8.00 13.43 34.32
C THR B 6 7.15 14.68 34.14
N GLU B 7 7.57 15.78 34.74
CA GLU B 7 6.81 17.02 34.67
C GLU B 7 6.61 17.43 33.21
N GLN B 8 7.70 17.38 32.45
CA GLN B 8 7.66 17.83 31.07
C GLN B 8 6.97 16.76 30.19
N ARG B 9 7.08 15.47 30.54
CA ARG B 9 6.24 14.49 29.83
C ARG B 9 4.77 14.79 30.05
N ARG B 10 4.41 15.15 31.28
CA ARG B 10 3.01 15.44 31.57
C ARG B 10 2.65 16.63 30.70
N SER B 11 3.59 17.56 30.59
CA SER B 11 3.42 18.68 29.67
C SER B 11 3.27 18.24 28.21
N LEU B 12 4.04 17.25 27.75
CA LEU B 12 3.86 16.72 26.39
C LEU B 12 2.49 16.08 26.20
N GLN B 13 2.23 15.07 27.03
CA GLN B 13 0.98 14.30 27.01
C GLN B 13 -0.24 15.19 27.19
N ALA B 14 -0.10 16.27 27.96
CA ALA B 14 -1.24 17.14 28.23
C ALA B 14 -1.94 17.47 26.91
N PHE B 15 -1.31 18.21 26.00
CA PHE B 15 -1.91 18.29 24.67
C PHE B 15 -1.14 17.35 23.71
N GLN B 16 -1.60 16.11 23.57
CA GLN B 16 -0.90 15.19 22.67
C GLN B 16 -1.45 15.54 21.31
N ASP B 17 -2.70 15.18 21.09
CA ASP B 17 -3.63 16.06 20.42
C ASP B 17 -3.00 16.76 19.22
N TYR B 18 -2.68 18.04 19.36
CA TYR B 18 -2.07 18.81 18.29
C TYR B 18 -1.02 18.03 17.52
N ILE B 19 -0.11 17.44 18.29
CA ILE B 19 1.01 16.71 17.73
C ILE B 19 0.53 15.69 16.74
N ARG B 20 -0.49 14.92 17.15
CA ARG B 20 -0.89 13.76 16.37
C ARG B 20 -1.18 14.21 14.96
N LYS B 21 -1.82 15.37 14.85
CA LYS B 21 -2.29 15.83 13.57
C LYS B 21 -1.33 16.82 12.89
N THR B 22 -0.28 17.23 13.59
CA THR B 22 0.73 18.11 12.99
C THR B 22 2.06 17.44 12.59
N LEU B 23 2.22 16.16 12.93
CA LEU B 23 3.53 15.52 12.79
C LEU B 23 3.44 14.12 12.17
N ASP B 24 4.39 13.84 11.28
CA ASP B 24 4.61 12.50 10.75
C ASP B 24 5.97 12.04 11.30
N PRO B 25 5.98 11.06 12.21
CA PRO B 25 7.19 10.72 12.98
C PRO B 25 8.38 10.19 12.18
N THR B 26 8.16 9.62 11.00
CA THR B 26 9.24 8.93 10.27
C THR B 26 10.45 9.81 9.99
N TYR B 27 10.20 11.10 9.84
CA TYR B 27 11.24 12.04 9.48
C TYR B 27 12.12 12.25 10.74
N ILE B 28 11.43 12.55 11.83
CA ILE B 28 12.15 12.74 13.07
C ILE B 28 12.59 11.39 13.62
N LEU B 29 12.10 10.28 13.05
CA LEU B 29 12.71 8.97 13.34
C LEU B 29 14.11 8.96 12.79
N SER B 30 14.21 9.38 11.52
CA SER B 30 15.52 9.53 10.88
C SER B 30 16.40 10.20 11.88
N TYR B 31 15.90 11.27 12.47
CA TYR B 31 16.66 11.88 13.58
C TYR B 31 16.67 11.13 14.93
N MET B 32 15.57 10.51 15.34
CA MET B 32 15.44 10.02 16.72
C MET B 32 16.10 8.67 16.95
N ALA B 33 16.70 8.13 15.89
CA ALA B 33 17.25 6.77 15.89
C ALA B 33 17.96 6.24 17.18
N PRO B 34 18.97 6.96 17.71
CA PRO B 34 19.66 6.29 18.83
C PRO B 34 18.84 6.14 20.13
N TRP B 35 17.75 6.89 20.28
CA TRP B 35 16.97 6.86 21.52
C TRP B 35 15.93 5.74 21.58
N PHE B 36 15.59 5.17 20.43
CA PHE B 36 14.58 4.11 20.38
C PHE B 36 15.18 2.75 20.03
N ARG B 37 14.54 1.68 20.50
CA ARG B 37 14.86 0.34 20.02
C ARG B 37 14.39 0.30 18.57
N GLU B 38 15.09 -0.47 17.74
CA GLU B 38 14.71 -0.63 16.35
C GLU B 38 13.32 -1.26 16.21
N GLU B 39 12.92 -2.07 17.19
CA GLU B 39 11.62 -2.73 17.18
C GLU B 39 10.45 -1.74 17.17
N GLU B 40 10.52 -0.74 18.03
CA GLU B 40 9.47 0.28 18.12
C GLU B 40 9.52 1.29 16.98
N VAL B 41 10.69 1.51 16.41
CA VAL B 41 10.81 2.33 15.20
C VAL B 41 10.13 1.58 14.06
N GLN B 42 10.38 0.27 14.00
CA GLN B 42 9.75 -0.59 13.00
C GLN B 42 8.26 -0.75 13.24
N TYR B 43 7.82 -0.78 14.51
CA TYR B 43 6.38 -0.76 14.78
C TYR B 43 5.78 0.42 14.04
N ILE B 44 6.30 1.61 14.30
CA ILE B 44 5.92 2.79 13.52
C ILE B 44 6.35 2.48 12.08
N GLN B 45 5.74 3.15 11.11
CA GLN B 45 5.93 2.93 9.67
C GLN B 45 5.09 1.74 9.24
N ALA B 46 4.96 0.76 10.10
CA ALA B 46 4.03 -0.32 9.81
C ALA B 46 2.67 0.28 10.12
N GLU B 47 2.66 1.10 11.17
CA GLU B 47 1.47 1.84 11.58
C GLU B 47 1.18 3.00 10.63
N LYS B 48 2.23 3.74 10.28
CA LYS B 48 2.14 4.76 9.24
C LYS B 48 1.65 4.16 7.92
N ASN B 49 2.31 3.12 7.42
CA ASN B 49 1.91 2.56 6.13
C ASN B 49 0.64 1.71 6.19
N ASN B 50 0.25 1.24 7.38
CA ASN B 50 -1.05 0.56 7.51
C ASN B 50 -2.18 1.50 7.91
N LYS B 51 -2.09 2.06 9.10
CA LYS B 51 -3.15 2.88 9.68
C LYS B 51 -3.15 4.34 9.19
N GLY B 52 -1.99 4.84 8.82
CA GLY B 52 -1.83 6.23 8.42
C GLY B 52 -0.91 7.02 9.34
N PRO B 53 -0.52 8.23 8.93
CA PRO B 53 0.47 9.02 9.68
C PRO B 53 0.04 9.44 11.10
N MET B 54 -1.24 9.74 11.30
CA MET B 54 -1.69 10.25 12.59
C MET B 54 -1.55 9.22 13.71
N GLU B 55 -2.12 8.04 13.49
CA GLU B 55 -2.08 6.99 14.48
C GLU B 55 -0.62 6.62 14.74
N ALA B 56 0.17 6.62 13.67
CA ALA B 56 1.61 6.41 13.78
C ALA B 56 2.21 7.46 14.70
N ALA B 57 1.79 8.71 14.55
CA ALA B 57 2.25 9.78 15.44
C ALA B 57 1.83 9.54 16.90
N THR B 58 0.57 9.19 17.12
CA THR B 58 0.09 9.00 18.49
C THR B 58 0.86 7.86 19.16
N LEU B 59 1.21 6.86 18.35
CA LEU B 59 2.04 5.79 18.85
C LEU B 59 3.46 6.27 19.14
N PHE B 60 4.02 7.03 18.21
CA PHE B 60 5.32 7.65 18.40
C PHE B 60 5.31 8.39 19.72
N LEU B 61 4.15 8.97 20.04
CA LEU B 61 3.96 9.62 21.32
C LEU B 61 4.02 8.63 22.48
N LYS B 62 3.23 7.56 22.44
CA LYS B 62 3.32 6.56 23.52
C LYS B 62 4.78 6.17 23.79
N PHE B 63 5.49 5.86 22.72
CA PHE B 63 6.86 5.40 22.88
C PHE B 63 7.74 6.56 23.35
N LEU B 64 7.48 7.76 22.83
CA LEU B 64 8.22 8.94 23.27
C LEU B 64 8.08 9.11 24.79
N LEU B 65 6.84 9.07 25.28
CA LEU B 65 6.60 9.26 26.71
C LEU B 65 7.36 8.21 27.48
N GLU B 66 7.44 6.99 26.97
CA GLU B 66 8.23 5.99 27.69
C GLU B 66 9.73 6.31 27.85
N LEU B 67 10.27 7.33 27.17
CA LEU B 67 11.74 7.53 27.20
C LEU B 67 12.30 8.00 28.54
N GLN B 68 13.16 7.18 29.13
CA GLN B 68 13.86 7.48 30.38
C GLN B 68 15.19 8.24 30.26
N GLU B 69 16.03 7.80 29.32
CA GLU B 69 17.47 8.10 29.37
C GLU B 69 17.80 9.60 29.28
N GLU B 70 18.93 9.97 29.88
CA GLU B 70 19.30 11.37 30.05
C GLU B 70 19.25 12.13 28.71
N GLY B 71 18.80 13.38 28.75
CA GLY B 71 18.86 14.25 27.59
C GLY B 71 17.87 13.98 26.47
N TRP B 72 17.02 12.95 26.63
CA TRP B 72 16.15 12.49 25.54
C TRP B 72 15.25 13.58 24.94
N PHE B 73 14.80 14.49 25.80
CA PHE B 73 13.86 15.53 25.37
C PHE B 73 14.53 16.51 24.41
N ARG B 74 15.62 17.12 24.84
CA ARG B 74 16.30 18.09 23.99
C ARG B 74 16.70 17.37 22.70
N GLY B 75 16.86 16.04 22.80
CA GLY B 75 17.02 15.20 21.62
C GLY B 75 15.81 15.30 20.72
N PHE B 76 14.63 15.07 21.31
CA PHE B 76 13.37 15.22 20.60
C PHE B 76 13.34 16.58 19.91
N LEU B 77 13.62 17.65 20.65
CA LEU B 77 13.63 18.99 20.06
C LEU B 77 14.57 19.15 18.89
N ASP B 78 15.83 18.78 19.10
CA ASP B 78 16.82 18.90 18.05
C ASP B 78 16.36 18.13 16.82
N ALA B 79 15.70 16.98 17.03
CA ALA B 79 15.11 16.23 15.93
C ALA B 79 14.04 17.05 15.20
N LEU B 80 13.07 17.59 15.94
CA LEU B 80 12.05 18.45 15.31
C LEU B 80 12.64 19.62 14.55
N ASP B 81 13.53 20.35 15.21
CA ASP B 81 14.18 21.50 14.57
C ASP B 81 14.81 21.01 13.29
N HIS B 82 15.58 19.93 13.37
CA HIS B 82 16.36 19.49 12.23
C HIS B 82 15.55 18.80 11.13
N ALA B 83 14.34 18.33 11.44
CA ALA B 83 13.50 17.69 10.42
C ALA B 83 12.68 18.67 9.58
N GLY B 84 12.59 19.93 10.01
CA GLY B 84 11.79 20.93 9.31
C GLY B 84 10.48 21.25 10.02
N TYR B 85 10.30 20.64 11.18
CA TYR B 85 9.13 20.82 12.02
C TYR B 85 9.32 22.03 12.93
N SER B 86 10.19 22.94 12.52
CA SER B 86 10.61 24.10 13.31
C SER B 86 9.44 24.85 13.98
N GLY B 87 8.42 25.18 13.20
CA GLY B 87 7.31 25.96 13.72
C GLY B 87 6.59 25.27 14.85
N LEU B 88 6.72 23.95 14.91
CA LEU B 88 6.17 23.19 16.04
C LEU B 88 7.08 23.23 17.26
N TYR B 89 8.37 23.00 17.06
CA TYR B 89 9.37 23.00 18.14
C TYR B 89 9.36 24.34 18.88
N GLU B 90 9.26 25.42 18.12
CA GLU B 90 9.12 26.75 18.67
C GLU B 90 8.01 26.74 19.74
N ALA B 91 6.86 26.22 19.33
CA ALA B 91 5.66 26.24 20.14
C ALA B 91 5.78 25.36 21.38
N ILE B 92 6.47 24.22 21.29
CA ILE B 92 6.61 23.37 22.47
C ILE B 92 7.72 23.88 23.38
N GLU B 93 8.76 24.50 22.82
CA GLU B 93 9.83 24.98 23.66
C GLU B 93 9.27 26.08 24.53
N SER B 94 8.40 26.90 23.94
CA SER B 94 7.71 27.91 24.76
C SER B 94 6.42 27.35 25.37
N TRP B 95 6.06 26.12 25.00
CA TRP B 95 4.80 25.51 25.43
C TRP B 95 3.63 26.40 25.08
N ASP B 96 3.71 27.08 23.93
CA ASP B 96 2.64 27.97 23.51
C ASP B 96 2.32 27.72 22.03
N PHE B 97 1.10 27.22 21.79
CA PHE B 97 0.70 26.72 20.49
C PHE B 97 -0.23 27.65 19.67
N LYS B 98 -0.49 28.85 20.20
CA LYS B 98 -1.53 29.76 19.67
C LYS B 98 -1.51 29.84 18.13
N LYS B 99 -0.30 29.95 17.61
CA LYS B 99 -0.06 30.10 16.19
C LYS B 99 -0.72 28.93 15.43
N ILE B 100 -0.41 27.73 15.87
CA ILE B 100 -0.89 26.50 15.24
C ILE B 100 -2.44 26.37 15.33
N GLU B 101 -3.03 27.05 16.30
CA GLU B 101 -4.49 27.04 16.45
C GLU B 101 -5.10 27.98 15.41
N LYS B 102 -4.50 29.16 15.31
CA LYS B 102 -4.83 30.10 14.23
C LYS B 102 -4.73 29.37 12.87
N LEU B 103 -3.71 28.53 12.79
CA LEU B 103 -3.61 27.61 11.68
C LEU B 103 -4.86 26.73 11.60
N GLU B 104 -5.25 26.06 12.69
CA GLU B 104 -6.50 25.26 12.66
C GLU B 104 -7.64 26.01 12.00
N GLU B 105 -7.72 27.32 12.28
CA GLU B 105 -8.63 28.18 11.54
C GLU B 105 -8.42 27.95 10.03
N TYR B 106 -7.26 28.36 9.52
CA TYR B 106 -7.10 28.28 8.05
C TYR B 106 -7.11 26.82 7.49
N ARG B 107 -6.76 25.88 8.35
CA ARG B 107 -6.73 24.46 8.02
C ARG B 107 -8.13 23.94 7.76
N LEU B 108 -9.06 24.18 8.69
CA LEU B 108 -10.43 23.75 8.47
C LEU B 108 -10.93 24.45 7.22
N LEU B 109 -10.45 25.68 7.01
CA LEU B 109 -10.77 26.35 5.74
C LEU B 109 -10.45 25.40 4.59
N LEU B 110 -9.19 24.99 4.43
CA LEU B 110 -8.89 24.02 3.35
C LEU B 110 -9.72 22.73 3.40
N LYS B 111 -9.71 22.07 4.55
CA LYS B 111 -10.31 20.74 4.70
C LYS B 111 -11.75 20.71 4.19
N ARG B 112 -12.52 21.74 4.51
CA ARG B 112 -13.88 21.86 4.01
C ARG B 112 -13.95 22.27 2.52
N LEU B 113 -12.90 22.95 2.07
CA LEU B 113 -12.79 23.51 0.72
C LEU B 113 -12.00 22.66 -0.32
N GLN B 114 -11.56 21.46 0.06
CA GLN B 114 -10.65 20.62 -0.75
C GLN B 114 -10.87 20.44 -2.28
N PRO B 115 -12.13 20.30 -2.73
CA PRO B 115 -12.36 19.94 -4.14
C PRO B 115 -11.78 20.93 -5.17
N GLU B 116 -11.88 22.22 -4.88
CA GLU B 116 -11.41 23.22 -5.83
C GLU B 116 -9.89 23.12 -5.94
N PHE B 117 -9.24 22.86 -4.81
CA PHE B 117 -7.81 22.61 -4.77
C PHE B 117 -7.51 21.42 -5.67
N LYS B 118 -8.24 20.34 -5.44
CA LYS B 118 -8.08 19.13 -6.23
C LYS B 118 -8.09 19.42 -7.73
N THR B 119 -9.18 19.99 -8.23
CA THR B 119 -9.28 20.24 -9.68
C THR B 119 -8.40 21.37 -10.21
N ARG B 120 -8.31 22.48 -9.48
CA ARG B 120 -7.67 23.71 -9.98
C ARG B 120 -6.15 23.71 -10.07
N ILE B 121 -5.48 23.07 -9.12
CA ILE B 121 -4.05 23.30 -8.90
C ILE B 121 -3.11 22.30 -9.56
N ILE B 122 -2.01 22.86 -10.09
CA ILE B 122 -0.88 22.09 -10.62
C ILE B 122 0.24 22.21 -9.60
N PRO B 123 0.48 21.14 -8.81
CA PRO B 123 1.34 21.17 -7.61
C PRO B 123 2.82 21.51 -7.79
N THR B 124 3.37 21.53 -9.00
CA THR B 124 4.83 21.56 -9.16
C THR B 124 5.49 22.94 -8.97
N ASP B 125 5.00 23.94 -9.69
CA ASP B 125 5.63 25.26 -9.60
C ASP B 125 5.50 25.74 -8.13
N ILE B 126 4.29 25.53 -7.65
CA ILE B 126 3.97 26.01 -6.35
C ILE B 126 4.65 25.09 -5.36
N ILE B 127 4.92 23.82 -5.72
CA ILE B 127 5.59 22.98 -4.72
C ILE B 127 6.92 23.61 -4.42
N SER B 128 7.68 24.02 -5.44
CA SER B 128 8.96 24.67 -5.11
C SER B 128 8.74 25.83 -4.12
N ASP B 129 7.82 26.72 -4.45
CA ASP B 129 7.66 27.87 -3.53
C ASP B 129 7.22 27.40 -2.08
N LEU B 130 6.14 26.66 -2.00
CA LEU B 130 5.79 26.25 -0.68
C LEU B 130 6.57 24.96 -0.37
N SER B 131 7.58 24.65 -1.20
CA SER B 131 8.59 23.65 -0.80
C SER B 131 9.31 24.36 0.31
N GLU B 132 9.53 25.67 0.14
CA GLU B 132 9.99 26.40 1.34
C GLU B 132 8.99 26.10 2.39
N CYS B 133 7.72 26.13 2.00
CA CYS B 133 6.69 25.89 3.04
C CYS B 133 6.44 24.45 3.59
N LEU B 134 7.05 23.39 3.04
CA LEU B 134 6.79 22.00 3.51
C LEU B 134 8.04 21.19 3.89
N ILE B 135 7.83 20.04 4.53
CA ILE B 135 8.93 19.12 4.87
C ILE B 135 9.45 18.45 3.60
N ASN B 136 10.70 18.05 3.65
CA ASN B 136 11.41 17.57 2.47
C ASN B 136 10.83 16.28 1.88
N GLN B 137 10.57 15.29 2.73
CA GLN B 137 9.98 14.03 2.28
C GLN B 137 8.69 14.30 1.54
N GLU B 138 7.90 15.21 2.11
CA GLU B 138 6.65 15.63 1.52
C GLU B 138 6.94 16.20 0.15
N CYS B 139 7.93 17.09 0.11
CA CYS B 139 8.32 17.76 -1.13
C CYS B 139 8.79 16.82 -2.24
N GLU B 140 9.71 15.90 -1.97
CA GLU B 140 10.15 15.03 -3.06
C GLU B 140 9.04 14.03 -3.37
N GLU B 141 8.24 13.72 -2.36
CA GLU B 141 6.97 13.05 -2.59
C GLU B 141 6.05 14.12 -3.20
N ILE B 142 4.84 13.74 -3.57
CA ILE B 142 3.89 14.59 -4.28
C ILE B 142 4.36 14.74 -5.72
N LEU B 143 5.67 14.85 -5.91
CA LEU B 143 6.27 14.78 -7.23
C LEU B 143 6.15 13.38 -7.78
N GLN B 144 6.63 12.40 -7.01
CA GLN B 144 6.53 11.00 -7.39
C GLN B 144 5.07 10.64 -7.55
N ILE B 145 4.24 11.20 -6.69
CA ILE B 145 2.80 11.01 -6.77
C ILE B 145 2.26 11.58 -8.07
N CYS B 146 2.31 12.90 -8.24
CA CYS B 146 1.69 13.51 -9.41
C CYS B 146 2.41 13.07 -10.68
N SER B 147 3.61 12.52 -10.54
CA SER B 147 4.31 11.90 -11.67
C SER B 147 3.78 10.51 -12.02
N THR B 148 3.58 9.67 -11.01
CA THR B 148 3.14 8.30 -11.25
C THR B 148 1.62 8.07 -11.15
N LYS B 149 0.88 9.07 -10.66
CA LYS B 149 -0.57 8.99 -10.51
C LYS B 149 -1.24 10.11 -11.29
N GLY B 150 -0.71 11.33 -11.16
CA GLY B 150 -1.26 12.48 -11.82
C GLY B 150 -1.59 13.61 -10.87
N MET B 151 -1.88 14.76 -11.47
CA MET B 151 -1.95 16.06 -10.81
C MET B 151 -2.97 16.13 -9.66
N MET B 152 -4.10 15.43 -9.82
CA MET B 152 -5.13 15.37 -8.79
C MET B 152 -4.58 14.75 -7.51
N ALA B 153 -4.03 13.54 -7.63
CA ALA B 153 -3.45 12.83 -6.49
C ALA B 153 -2.39 13.68 -5.78
N GLY B 154 -1.53 14.29 -6.57
CA GLY B 154 -0.52 15.19 -6.05
C GLY B 154 -1.19 16.28 -5.22
N ALA B 155 -2.16 16.96 -5.83
CA ALA B 155 -2.89 18.01 -5.13
C ALA B 155 -3.53 17.51 -3.83
N GLU B 156 -4.18 16.36 -3.90
CA GLU B 156 -4.82 15.74 -2.74
C GLU B 156 -3.81 15.60 -1.59
N LYS B 157 -2.66 15.06 -1.96
CA LYS B 157 -1.61 14.88 -0.98
C LYS B 157 -1.04 16.19 -0.51
N LEU B 158 -0.99 17.15 -1.42
CA LEU B 158 -0.53 18.48 -1.08
C LEU B 158 -1.42 18.99 0.04
N VAL B 159 -2.73 18.83 -0.13
CA VAL B 159 -3.66 19.23 0.92
C VAL B 159 -3.31 18.54 2.21
N GLU B 160 -3.13 17.22 2.17
CA GLU B 160 -2.71 16.50 3.39
C GLU B 160 -1.47 17.14 4.06
N CYS B 161 -0.44 17.39 3.24
CA CYS B 161 0.82 17.95 3.75
C CYS B 161 0.62 19.35 4.32
N LEU B 162 -0.27 20.12 3.72
CA LEU B 162 -0.60 21.45 4.25
C LEU B 162 -1.38 21.37 5.55
N LEU B 163 -2.36 20.48 5.60
CA LEU B 163 -3.15 20.29 6.82
C LEU B 163 -2.21 19.95 7.96
N ARG B 164 -1.16 19.19 7.64
CA ARG B 164 -0.17 18.86 8.66
C ARG B 164 0.84 19.97 8.97
N SER B 165 1.01 20.94 8.07
CA SER B 165 2.09 21.92 8.19
C SER B 165 2.03 22.78 9.46
N ASP B 166 3.19 22.96 10.08
CA ASP B 166 3.34 23.75 11.30
C ASP B 166 3.85 25.16 11.04
N LYS B 167 4.05 25.52 9.77
CA LYS B 167 4.70 26.78 9.46
C LYS B 167 3.79 27.95 9.84
N GLU B 168 4.37 28.91 10.53
CA GLU B 168 3.65 30.06 11.06
C GLU B 168 2.68 30.70 10.07
N ASN B 169 3.22 31.15 8.94
CA ASN B 169 2.47 31.92 7.95
C ASN B 169 1.96 31.15 6.71
N TRP B 170 2.09 29.82 6.70
CA TRP B 170 1.92 29.05 5.45
C TRP B 170 0.71 29.41 4.59
N PRO B 171 -0.45 29.76 5.19
CA PRO B 171 -1.51 30.18 4.27
C PRO B 171 -1.14 31.40 3.42
N LYS B 172 -0.37 32.32 4.00
CA LYS B 172 0.10 33.51 3.28
C LYS B 172 1.04 33.08 2.17
N THR B 173 1.96 32.19 2.51
CA THR B 173 2.96 31.69 1.58
C THR B 173 2.27 31.05 0.38
N LEU B 174 1.21 30.29 0.67
CA LEU B 174 0.40 29.68 -0.37
C LEU B 174 -0.33 30.72 -1.21
N LYS B 175 -1.06 31.61 -0.54
CA LYS B 175 -1.83 32.64 -1.22
C LYS B 175 -0.98 33.44 -2.18
N LEU B 176 0.22 33.83 -1.74
CA LEU B 176 1.14 34.53 -2.62
C LEU B 176 1.56 33.60 -3.75
N ALA B 177 1.94 32.38 -3.40
CA ALA B 177 2.43 31.42 -4.38
C ALA B 177 1.40 31.15 -5.49
N LEU B 178 0.11 31.16 -5.14
CA LEU B 178 -0.94 31.02 -6.15
C LEU B 178 -1.27 32.36 -6.81
N GLU B 179 -1.16 33.45 -6.07
CA GLU B 179 -1.43 34.78 -6.62
C GLU B 179 -0.40 35.07 -7.71
N LYS B 180 0.68 34.28 -7.70
CA LYS B 180 1.61 34.26 -8.82
C LYS B 180 1.13 33.35 -9.96
N GLU B 181 1.03 32.05 -9.71
CA GLU B 181 0.76 31.11 -10.80
C GLU B 181 -0.72 31.01 -11.21
N ARG B 182 -0.98 31.46 -12.45
CA ARG B 182 -2.33 31.67 -12.95
C ARG B 182 -3.15 32.51 -11.97
N ASN B 183 -4.36 32.09 -11.65
CA ASN B 183 -5.10 32.70 -10.56
C ASN B 183 -5.80 31.67 -9.68
N LYS B 184 -6.89 31.11 -10.19
CA LYS B 184 -7.70 30.16 -9.45
C LYS B 184 -8.01 30.72 -8.05
N PHE B 185 -7.41 30.12 -7.03
CA PHE B 185 -7.79 30.41 -5.65
C PHE B 185 -7.58 31.84 -5.25
N SER B 186 -6.87 32.60 -6.07
CA SER B 186 -6.71 34.01 -5.80
C SER B 186 -8.06 34.69 -5.65
N GLU B 187 -9.07 34.16 -6.36
CA GLU B 187 -10.44 34.63 -6.19
C GLU B 187 -11.19 33.86 -5.08
N LEU B 188 -10.51 32.89 -4.48
CA LEU B 188 -11.11 31.93 -3.54
C LEU B 188 -10.44 31.94 -2.16
N TRP B 189 -9.13 31.69 -2.16
CA TRP B 189 -8.33 31.64 -0.92
C TRP B 189 -7.68 32.97 -0.60
N ILE B 190 -8.26 33.66 0.39
CA ILE B 190 -7.77 34.95 0.85
C ILE B 190 -7.95 35.16 2.35
N VAL B 191 -7.14 36.05 2.92
CA VAL B 191 -7.27 36.42 4.31
C VAL B 191 -6.41 37.64 4.62
N MET C 4 -34.21 6.03 13.92
CA MET C 4 -34.57 6.41 12.52
C MET C 4 -33.45 6.16 11.51
N THR C 5 -32.35 6.89 11.65
CA THR C 5 -31.20 6.85 10.74
C THR C 5 -30.85 5.41 10.37
N THR C 6 -30.97 4.55 11.37
CA THR C 6 -30.73 3.14 11.23
C THR C 6 -31.48 2.57 10.02
N GLU C 7 -32.70 3.04 9.75
CA GLU C 7 -33.48 2.51 8.63
C GLU C 7 -32.77 2.66 7.29
N GLN C 8 -32.28 3.87 7.00
CA GLN C 8 -31.66 4.11 5.70
C GLN C 8 -30.26 3.52 5.68
N ARG C 9 -29.57 3.56 6.82
CA ARG C 9 -28.29 2.86 6.89
C ARG C 9 -28.50 1.36 6.66
N ARG C 10 -29.58 0.81 7.21
CA ARG C 10 -29.89 -0.61 7.02
C ARG C 10 -30.18 -0.89 5.57
N SER C 11 -30.91 0.02 4.94
CA SER C 11 -31.15 -0.07 3.50
C SER C 11 -29.79 -0.09 2.81
N LEU C 12 -28.85 0.71 3.28
CA LEU C 12 -27.49 0.64 2.76
C LEU C 12 -26.84 -0.72 3.02
N GLN C 13 -26.86 -1.16 4.28
CA GLN C 13 -26.21 -2.38 4.73
C GLN C 13 -26.63 -3.64 3.99
N ALA C 14 -27.93 -3.83 3.78
CA ALA C 14 -28.39 -4.97 3.00
C ALA C 14 -27.93 -4.82 1.55
N PHE C 15 -28.02 -3.59 1.07
CA PHE C 15 -27.84 -3.26 -0.33
C PHE C 15 -26.39 -2.96 -0.75
N GLN C 16 -25.45 -3.19 0.15
CA GLN C 16 -24.05 -2.97 -0.17
C GLN C 16 -23.56 -4.02 -1.17
N ASP C 17 -22.26 -4.00 -1.41
CA ASP C 17 -21.52 -4.91 -2.30
C ASP C 17 -21.61 -4.52 -3.77
N TYR C 18 -22.70 -3.89 -4.20
CA TYR C 18 -22.71 -3.24 -5.51
C TYR C 18 -21.79 -2.05 -5.34
N ILE C 19 -21.97 -1.37 -4.21
CA ILE C 19 -21.20 -0.18 -3.89
C ILE C 19 -19.70 -0.45 -4.00
N ARG C 20 -19.21 -1.45 -3.28
CA ARG C 20 -17.77 -1.67 -3.22
C ARG C 20 -17.20 -2.02 -4.58
N LYS C 21 -17.93 -2.78 -5.39
CA LYS C 21 -17.38 -3.21 -6.67
C LYS C 21 -17.58 -2.09 -7.69
N THR C 22 -18.41 -1.12 -7.32
CA THR C 22 -18.56 0.11 -8.12
C THR C 22 -17.79 1.36 -7.61
N LEU C 23 -17.18 1.32 -6.42
CA LEU C 23 -16.69 2.59 -5.83
C LEU C 23 -15.27 2.58 -5.29
N ASP C 24 -14.58 3.68 -5.55
CA ASP C 24 -13.28 4.01 -4.95
C ASP C 24 -13.46 5.25 -4.05
N PRO C 25 -13.31 5.10 -2.72
CA PRO C 25 -13.67 6.17 -1.76
C PRO C 25 -12.83 7.46 -1.85
N THR C 26 -11.61 7.38 -2.39
CA THR C 26 -10.66 8.49 -2.30
C THR C 26 -11.18 9.83 -2.87
N TYR C 27 -12.03 9.73 -3.87
CA TYR C 27 -12.52 10.90 -4.58
C TYR C 27 -13.61 11.53 -3.69
N ILE C 28 -14.51 10.65 -3.28
CA ILE C 28 -15.59 11.08 -2.44
C ILE C 28 -14.99 11.31 -1.05
N LEU C 29 -13.76 10.81 -0.81
CA LEU C 29 -13.00 11.21 0.40
C LEU C 29 -12.61 12.67 0.35
N SER C 30 -12.02 13.10 -0.77
CA SER C 30 -11.76 14.52 -0.95
C SER C 30 -12.99 15.30 -0.58
N TYR C 31 -14.15 14.84 -1.05
CA TYR C 31 -15.38 15.51 -0.64
C TYR C 31 -15.79 15.33 0.85
N MET C 32 -15.54 14.15 1.43
CA MET C 32 -16.12 13.78 2.74
C MET C 32 -15.46 14.28 4.02
N ALA C 33 -14.40 15.08 3.89
CA ALA C 33 -13.52 15.38 5.03
C ALA C 33 -14.22 15.65 6.38
N PRO C 34 -15.18 16.59 6.42
CA PRO C 34 -15.74 16.97 7.73
C PRO C 34 -16.61 15.93 8.45
N TRP C 35 -17.11 14.93 7.74
CA TRP C 35 -17.99 13.94 8.36
C TRP C 35 -17.18 12.85 9.03
N PHE C 36 -15.91 12.78 8.67
CA PHE C 36 -15.00 11.80 9.23
C PHE C 36 -14.06 12.53 10.15
N ARG C 37 -13.49 11.81 11.11
CA ARG C 37 -12.40 12.35 11.88
C ARG C 37 -11.29 12.57 10.86
N GLU C 38 -10.45 13.58 11.07
CA GLU C 38 -9.35 13.84 10.15
C GLU C 38 -8.50 12.58 10.08
N GLU C 39 -8.45 11.86 11.19
CA GLU C 39 -7.82 10.55 11.26
C GLU C 39 -8.65 9.52 10.51
N GLU C 40 -8.12 8.31 10.34
CA GLU C 40 -8.89 7.22 9.76
C GLU C 40 -9.28 7.41 8.29
N VAL C 41 -9.29 8.64 7.81
CA VAL C 41 -9.48 8.90 6.39
C VAL C 41 -8.22 8.33 5.73
N GLN C 42 -7.11 8.58 6.40
CA GLN C 42 -5.82 8.03 6.00
C GLN C 42 -5.81 6.51 6.13
N TYR C 43 -6.49 5.95 7.14
CA TYR C 43 -6.65 4.50 7.21
C TYR C 43 -7.21 3.98 5.88
N ILE C 44 -8.34 4.55 5.47
CA ILE C 44 -8.98 4.23 4.19
C ILE C 44 -7.98 4.37 3.01
N GLN C 45 -7.30 5.51 2.93
CA GLN C 45 -6.32 5.71 1.86
C GLN C 45 -5.14 4.71 1.89
N ALA C 46 -4.65 4.44 3.09
CA ALA C 46 -3.53 3.54 3.28
C ALA C 46 -4.02 2.16 2.89
N GLU C 47 -5.30 1.93 3.11
CA GLU C 47 -5.90 0.68 2.69
C GLU C 47 -5.99 0.66 1.17
N LYS C 48 -6.29 1.80 0.54
CA LYS C 48 -6.24 1.81 -0.92
C LYS C 48 -4.87 1.35 -1.40
N ASN C 49 -3.78 2.01 -0.98
CA ASN C 49 -2.49 1.57 -1.55
C ASN C 49 -1.96 0.28 -0.93
N ASN C 50 -2.52 -0.17 0.20
CA ASN C 50 -2.11 -1.46 0.73
C ASN C 50 -2.89 -2.64 0.15
N LYS C 51 -4.18 -2.72 0.45
CA LYS C 51 -4.95 -3.86 -0.03
C LYS C 51 -5.50 -3.65 -1.45
N GLY C 52 -5.97 -2.44 -1.73
CA GLY C 52 -6.54 -2.10 -3.02
C GLY C 52 -7.72 -1.16 -2.85
N PRO C 53 -8.27 -0.64 -3.95
CA PRO C 53 -9.39 0.31 -3.88
C PRO C 53 -10.69 -0.32 -3.35
N MET C 54 -10.94 -1.57 -3.73
CA MET C 54 -12.16 -2.26 -3.35
C MET C 54 -12.21 -2.49 -1.83
N GLU C 55 -11.15 -3.11 -1.31
CA GLU C 55 -11.05 -3.37 0.12
C GLU C 55 -11.10 -2.03 0.87
N ALA C 56 -10.47 -1.03 0.28
CA ALA C 56 -10.54 0.33 0.79
C ALA C 56 -12.00 0.77 0.82
N ALA C 57 -12.74 0.46 -0.24
CA ALA C 57 -14.16 0.80 -0.26
C ALA C 57 -14.92 0.11 0.87
N THR C 58 -14.75 -1.20 1.02
CA THR C 58 -15.51 -1.90 2.07
C THR C 58 -15.12 -1.35 3.44
N LEU C 59 -13.88 -0.90 3.59
CA LEU C 59 -13.53 -0.21 4.84
C LEU C 59 -14.26 1.12 4.94
N PHE C 60 -14.30 1.88 3.84
CA PHE C 60 -15.07 3.12 3.83
C PHE C 60 -16.52 2.86 4.23
N LEU C 61 -17.04 1.69 3.86
CA LEU C 61 -18.38 1.31 4.31
C LEU C 61 -18.38 1.08 5.82
N LYS C 62 -17.46 0.25 6.31
CA LYS C 62 -17.35 0.04 7.76
C LYS C 62 -17.34 1.34 8.54
N PHE C 63 -16.57 2.32 8.07
CA PHE C 63 -16.55 3.62 8.75
C PHE C 63 -17.83 4.42 8.53
N LEU C 64 -18.36 4.38 7.32
CA LEU C 64 -19.59 5.11 7.03
C LEU C 64 -20.73 4.66 7.94
N LEU C 65 -20.98 3.35 7.99
CA LEU C 65 -22.15 2.83 8.69
C LEU C 65 -22.18 3.23 10.17
N GLU C 66 -21.01 3.26 10.79
CA GLU C 66 -20.89 3.69 12.18
C GLU C 66 -21.20 5.18 12.41
N LEU C 67 -21.41 5.95 11.34
CA LEU C 67 -21.49 7.41 11.47
C LEU C 67 -22.72 7.88 12.27
N GLN C 68 -22.43 8.59 13.35
CA GLN C 68 -23.46 9.10 14.25
C GLN C 68 -24.16 10.44 13.95
N GLU C 69 -23.41 11.49 13.60
CA GLU C 69 -23.90 12.85 13.86
C GLU C 69 -25.21 13.34 13.23
N GLU C 70 -25.17 13.89 12.02
CA GLU C 70 -26.40 14.45 11.43
C GLU C 70 -26.29 14.75 9.94
N GLY C 71 -27.37 14.53 9.20
CA GLY C 71 -27.43 14.98 7.81
C GLY C 71 -26.47 14.24 6.90
N TRP C 72 -25.71 13.32 7.49
CA TRP C 72 -24.60 12.64 6.84
C TRP C 72 -24.97 11.86 5.56
N PHE C 73 -26.22 11.42 5.49
CA PHE C 73 -26.68 10.61 4.35
C PHE C 73 -26.63 11.44 3.06
N ARG C 74 -27.35 12.55 3.05
CA ARG C 74 -27.29 13.45 1.90
C ARG C 74 -25.86 13.94 1.69
N GLY C 75 -25.06 13.89 2.74
CA GLY C 75 -23.63 14.12 2.60
C GLY C 75 -23.03 13.10 1.66
N PHE C 76 -23.26 11.82 1.95
CA PHE C 76 -22.82 10.71 1.11
C PHE C 76 -23.31 10.88 -0.32
N LEU C 77 -24.61 11.11 -0.45
CA LEU C 77 -25.23 11.28 -1.76
C LEU C 77 -24.57 12.43 -2.54
N ASP C 78 -24.52 13.61 -1.92
CA ASP C 78 -23.91 14.78 -2.55
C ASP C 78 -22.45 14.53 -2.89
N ALA C 79 -21.77 13.81 -2.01
CA ALA C 79 -20.37 13.46 -2.25
C ALA C 79 -20.24 12.64 -3.53
N LEU C 80 -21.03 11.57 -3.65
CA LEU C 80 -21.04 10.81 -4.89
C LEU C 80 -21.36 11.69 -6.09
N ASP C 81 -22.45 12.44 -5.98
CA ASP C 81 -22.92 13.29 -7.09
C ASP C 81 -21.86 14.25 -7.60
N HIS C 82 -21.25 14.99 -6.67
CA HIS C 82 -20.33 16.06 -7.03
C HIS C 82 -18.97 15.54 -7.49
N ALA C 83 -18.66 14.29 -7.16
CA ALA C 83 -17.39 13.68 -7.57
C ALA C 83 -17.49 13.04 -8.95
N GLY C 84 -18.71 12.85 -9.43
CA GLY C 84 -18.94 12.24 -10.73
C GLY C 84 -19.42 10.81 -10.68
N TYR C 85 -19.65 10.27 -9.48
CA TYR C 85 -20.20 8.92 -9.41
C TYR C 85 -21.69 9.21 -9.47
N SER C 86 -22.26 8.98 -10.65
CA SER C 86 -23.65 9.33 -10.91
C SER C 86 -24.59 8.20 -10.58
N GLY C 87 -24.48 7.11 -11.33
CA GLY C 87 -25.40 5.99 -11.22
C GLY C 87 -25.56 5.48 -9.80
N LEU C 88 -24.56 5.71 -8.96
CA LEU C 88 -24.70 5.38 -7.54
C LEU C 88 -25.51 6.42 -6.79
N TYR C 89 -25.28 7.71 -7.06
CA TYR C 89 -26.10 8.75 -6.44
C TYR C 89 -27.55 8.55 -6.82
N GLU C 90 -27.74 8.39 -8.13
CA GLU C 90 -29.04 8.10 -8.72
C GLU C 90 -29.67 6.87 -8.06
N ALA C 91 -28.92 5.77 -8.09
CA ALA C 91 -29.43 4.49 -7.64
C ALA C 91 -29.69 4.46 -6.15
N ILE C 92 -28.89 5.18 -5.37
CA ILE C 92 -29.08 5.21 -3.93
C ILE C 92 -30.18 6.18 -3.57
N GLU C 93 -30.38 7.23 -4.36
CA GLU C 93 -31.47 8.13 -4.07
C GLU C 93 -32.78 7.40 -4.37
N SER C 94 -32.80 6.61 -5.45
CA SER C 94 -33.99 5.79 -5.73
C SER C 94 -33.93 4.37 -5.16
N TRP C 95 -32.78 3.95 -4.62
CA TRP C 95 -32.62 2.58 -4.14
C TRP C 95 -32.92 1.51 -5.21
N ASP C 96 -32.59 1.78 -6.47
CA ASP C 96 -32.82 0.80 -7.54
C ASP C 96 -31.62 0.67 -8.49
N PHE C 97 -31.00 -0.50 -8.49
CA PHE C 97 -29.71 -0.73 -9.15
C PHE C 97 -29.69 -1.49 -10.50
N LYS C 98 -30.85 -1.83 -11.05
CA LYS C 98 -30.95 -2.74 -12.21
C LYS C 98 -29.92 -2.45 -13.32
N LYS C 99 -29.72 -1.16 -13.58
CA LYS C 99 -28.80 -0.66 -14.59
C LYS C 99 -27.38 -1.24 -14.39
N ILE C 100 -26.89 -1.06 -13.18
CA ILE C 100 -25.53 -1.48 -12.79
C ILE C 100 -25.41 -3.02 -12.85
N GLU C 101 -26.53 -3.71 -12.78
CA GLU C 101 -26.55 -5.17 -12.91
C GLU C 101 -26.38 -5.60 -14.37
N LYS C 102 -27.15 -4.98 -15.26
CA LYS C 102 -26.92 -5.19 -16.69
C LYS C 102 -25.43 -4.84 -17.00
N LEU C 103 -24.94 -3.83 -16.29
CA LEU C 103 -23.51 -3.60 -16.28
C LEU C 103 -22.78 -4.86 -15.83
N GLU C 104 -23.13 -5.46 -14.68
CA GLU C 104 -22.49 -6.73 -14.28
C GLU C 104 -22.38 -7.71 -15.43
N GLU C 105 -23.41 -7.79 -16.26
CA GLU C 105 -23.31 -8.55 -17.51
C GLU C 105 -22.07 -8.09 -18.28
N TYR C 106 -22.08 -6.86 -18.78
CA TYR C 106 -20.95 -6.44 -19.64
C TYR C 106 -19.60 -6.43 -18.92
N ARG C 107 -19.64 -6.29 -17.60
CA ARG C 107 -18.45 -6.29 -16.77
C ARG C 107 -17.75 -7.62 -16.74
N LEU C 108 -18.51 -8.66 -16.39
CA LEU C 108 -17.91 -9.97 -16.38
C LEU C 108 -17.48 -10.33 -17.78
N LEU C 109 -18.26 -9.89 -18.78
CA LEU C 109 -17.85 -10.14 -20.16
C LEU C 109 -16.44 -9.62 -20.35
N LEU C 110 -16.25 -8.34 -20.10
CA LEU C 110 -14.92 -7.77 -20.26
C LEU C 110 -13.88 -8.54 -19.43
N LYS C 111 -14.15 -8.79 -18.14
CA LYS C 111 -13.17 -9.48 -17.29
C LYS C 111 -12.67 -10.78 -17.92
N ARG C 112 -13.58 -11.55 -18.50
CA ARG C 112 -13.17 -12.78 -19.18
C ARG C 112 -12.47 -12.48 -20.52
N LEU C 113 -12.70 -11.30 -21.07
CA LEU C 113 -12.10 -10.87 -22.35
C LEU C 113 -10.83 -9.99 -22.23
N GLN C 114 -10.40 -9.74 -21.00
CA GLN C 114 -9.35 -8.75 -20.67
C GLN C 114 -8.02 -8.73 -21.49
N PRO C 115 -7.41 -9.89 -21.78
CA PRO C 115 -6.08 -9.90 -22.43
C PRO C 115 -6.00 -9.22 -23.80
N GLU C 116 -7.02 -9.46 -24.61
CA GLU C 116 -7.06 -8.90 -25.95
C GLU C 116 -7.24 -7.40 -25.85
N PHE C 117 -8.01 -6.98 -24.86
CA PHE C 117 -8.16 -5.56 -24.58
C PHE C 117 -6.74 -5.04 -24.38
N LYS C 118 -6.00 -5.68 -23.47
CA LYS C 118 -4.61 -5.28 -23.22
C LYS C 118 -3.76 -5.14 -24.49
N THR C 119 -3.60 -6.20 -25.28
CA THR C 119 -2.74 -6.10 -26.46
C THR C 119 -3.29 -5.19 -27.58
N ARG C 120 -4.60 -5.22 -27.80
CA ARG C 120 -5.17 -4.53 -28.96
C ARG C 120 -5.19 -3.01 -28.84
N ILE C 121 -5.40 -2.50 -27.62
CA ILE C 121 -5.79 -1.11 -27.40
C ILE C 121 -4.66 -0.14 -27.03
N ILE C 122 -4.78 1.08 -27.55
CA ILE C 122 -3.92 2.21 -27.19
C ILE C 122 -4.72 3.12 -26.26
N PRO C 123 -4.41 3.11 -24.96
CA PRO C 123 -5.27 3.80 -23.98
C PRO C 123 -5.42 5.32 -24.17
N THR C 124 -4.62 5.92 -25.04
CA THR C 124 -4.57 7.39 -25.17
C THR C 124 -5.62 7.98 -26.10
N ASP C 125 -5.74 7.42 -27.31
CA ASP C 125 -6.64 8.00 -28.30
C ASP C 125 -8.10 7.93 -27.84
N ILE C 126 -8.49 6.79 -27.31
CA ILE C 126 -9.89 6.54 -26.99
C ILE C 126 -10.32 7.24 -25.68
N ILE C 127 -9.38 7.47 -24.75
CA ILE C 127 -9.74 8.00 -23.43
C ILE C 127 -10.52 9.32 -23.51
N SER C 128 -10.08 10.23 -24.37
CA SER C 128 -10.77 11.50 -24.54
C SER C 128 -12.26 11.28 -24.76
N ASP C 129 -12.58 10.32 -25.63
CA ASP C 129 -13.96 10.05 -25.99
C ASP C 129 -14.84 9.48 -24.87
N LEU C 130 -14.40 8.38 -24.25
CA LEU C 130 -15.19 7.74 -23.18
C LEU C 130 -14.87 8.32 -21.81
N SER C 131 -14.21 9.47 -21.79
CA SER C 131 -13.93 10.17 -20.54
C SER C 131 -15.16 10.54 -19.70
N GLU C 132 -16.27 10.89 -20.33
CA GLU C 132 -17.51 11.09 -19.58
C GLU C 132 -17.83 9.88 -18.71
N CYS C 133 -17.47 8.68 -19.18
CA CYS C 133 -17.76 7.44 -18.47
C CYS C 133 -16.84 7.19 -17.27
N LEU C 134 -15.83 8.05 -17.09
CA LEU C 134 -14.83 7.88 -16.02
C LEU C 134 -14.71 9.07 -15.08
N ILE C 135 -14.12 8.81 -13.92
CA ILE C 135 -13.80 9.84 -12.94
C ILE C 135 -12.56 10.64 -13.38
N ASN C 136 -12.45 11.88 -12.94
CA ASN C 136 -11.36 12.76 -13.39
C ASN C 136 -9.98 12.26 -12.93
N GLN C 137 -9.86 11.98 -11.63
CA GLN C 137 -8.62 11.44 -11.08
C GLN C 137 -8.31 10.19 -11.86
N GLU C 138 -9.35 9.44 -12.19
CA GLU C 138 -9.20 8.24 -12.98
C GLU C 138 -8.58 8.56 -14.32
N CYS C 139 -9.22 9.45 -15.06
CA CYS C 139 -8.79 9.82 -16.41
C CYS C 139 -7.34 10.28 -16.41
N GLU C 140 -7.02 11.14 -15.45
CA GLU C 140 -5.70 11.76 -15.37
C GLU C 140 -4.58 10.73 -15.08
N GLU C 141 -4.94 9.65 -14.41
CA GLU C 141 -4.08 8.47 -14.32
C GLU C 141 -4.15 7.80 -15.71
N ILE C 142 -3.88 6.51 -15.87
CA ILE C 142 -3.88 5.94 -17.23
C ILE C 142 -2.80 6.70 -17.99
N LEU C 143 -3.15 7.78 -18.69
CA LEU C 143 -2.14 8.57 -19.41
C LEU C 143 -0.86 8.63 -18.60
N GLN C 144 -0.92 8.98 -17.32
CA GLN C 144 0.28 8.94 -16.49
C GLN C 144 0.87 7.54 -16.43
N ILE C 145 0.00 6.53 -16.41
CA ILE C 145 0.45 5.14 -16.39
C ILE C 145 1.11 4.79 -17.72
N CYS C 146 0.34 4.79 -18.80
CA CYS C 146 0.89 4.39 -20.10
C CYS C 146 1.97 5.38 -20.55
N SER C 147 2.02 6.55 -19.92
CA SER C 147 3.12 7.49 -20.14
C SER C 147 4.37 7.02 -19.42
N THR C 148 4.22 6.58 -18.18
CA THR C 148 5.37 6.13 -17.39
C THR C 148 5.63 4.61 -17.40
N LYS C 149 4.68 3.82 -17.91
CA LYS C 149 4.84 2.36 -17.95
C LYS C 149 4.63 1.74 -19.34
N GLY C 150 3.46 1.90 -19.95
CA GLY C 150 3.25 1.37 -21.28
C GLY C 150 1.79 1.24 -21.68
N MET C 151 1.55 1.02 -22.97
CA MET C 151 0.20 1.06 -23.51
C MET C 151 -0.68 -0.04 -22.89
N MET C 152 -0.11 -1.24 -22.73
CA MET C 152 -0.82 -2.34 -22.09
C MET C 152 -1.13 -2.06 -20.64
N ALA C 153 -0.14 -1.68 -19.85
CA ALA C 153 -0.37 -1.38 -18.44
C ALA C 153 -1.51 -0.36 -18.30
N GLY C 154 -1.43 0.70 -19.12
CA GLY C 154 -2.46 1.71 -19.19
C GLY C 154 -3.83 1.14 -19.49
N ALA C 155 -3.91 0.38 -20.57
CA ALA C 155 -5.16 -0.27 -20.97
C ALA C 155 -5.69 -1.16 -19.85
N GLU C 156 -4.80 -1.93 -19.26
CA GLU C 156 -5.14 -2.82 -18.17
C GLU C 156 -5.82 -2.05 -17.03
N LYS C 157 -5.19 -0.94 -16.63
CA LYS C 157 -5.77 -0.11 -15.59
C LYS C 157 -7.06 0.52 -16.12
N LEU C 158 -7.11 0.78 -17.43
CA LEU C 158 -8.33 1.27 -18.05
C LEU C 158 -9.47 0.30 -17.77
N VAL C 159 -9.24 -0.99 -18.04
CA VAL C 159 -10.27 -1.98 -17.78
C VAL C 159 -10.65 -1.94 -16.32
N GLU C 160 -9.63 -1.98 -15.45
CA GLU C 160 -9.88 -1.94 -14.00
C GLU C 160 -10.83 -0.79 -13.68
N CYS C 161 -10.54 0.41 -14.19
CA CYS C 161 -11.41 1.56 -13.94
C CYS C 161 -12.79 1.39 -14.55
N LEU C 162 -12.86 0.72 -15.71
CA LEU C 162 -14.14 0.47 -16.37
C LEU C 162 -15.05 -0.47 -15.61
N LEU C 163 -14.50 -1.56 -15.11
CA LEU C 163 -15.27 -2.51 -14.34
C LEU C 163 -15.89 -1.81 -13.14
N ARG C 164 -15.20 -0.80 -12.62
CA ARG C 164 -15.67 -0.08 -11.45
C ARG C 164 -16.73 0.97 -11.76
N SER C 165 -16.76 1.46 -13.00
CA SER C 165 -17.64 2.58 -13.37
C SER C 165 -19.11 2.21 -13.23
N ASP C 166 -19.91 3.15 -12.73
CA ASP C 166 -21.35 2.94 -12.52
C ASP C 166 -22.19 3.48 -13.66
N LYS C 167 -21.56 3.97 -14.71
CA LYS C 167 -22.29 4.67 -15.77
C LYS C 167 -23.16 3.71 -16.57
N GLU C 168 -24.42 4.13 -16.72
CA GLU C 168 -25.46 3.36 -17.38
C GLU C 168 -25.04 2.76 -18.73
N ASN C 169 -24.56 3.62 -19.63
CA ASN C 169 -24.30 3.25 -21.01
C ASN C 169 -22.85 2.92 -21.39
N TRP C 170 -21.93 2.87 -20.41
CA TRP C 170 -20.51 2.84 -20.74
C TRP C 170 -20.07 1.76 -21.74
N PRO C 171 -20.66 0.57 -21.72
CA PRO C 171 -20.25 -0.35 -22.79
C PRO C 171 -20.60 0.18 -24.18
N LYS C 172 -21.73 0.87 -24.28
CA LYS C 172 -22.17 1.43 -25.56
C LYS C 172 -21.24 2.54 -26.02
N THR C 173 -20.95 3.49 -25.13
CA THR C 173 -20.04 4.60 -25.46
C THR C 173 -18.66 4.06 -25.78
N LEU C 174 -18.26 3.00 -25.09
CA LEU C 174 -16.98 2.37 -25.39
C LEU C 174 -17.04 1.88 -26.85
N LYS C 175 -18.07 1.09 -27.17
CA LYS C 175 -18.26 0.60 -28.53
C LYS C 175 -18.24 1.77 -29.51
N LEU C 176 -18.86 2.88 -29.13
CA LEU C 176 -18.82 4.08 -29.96
C LEU C 176 -17.38 4.54 -30.13
N ALA C 177 -16.62 4.55 -29.04
CA ALA C 177 -15.24 5.04 -29.08
C ALA C 177 -14.30 4.19 -29.94
N LEU C 178 -14.46 2.87 -29.93
CA LEU C 178 -13.62 2.05 -30.84
C LEU C 178 -14.21 1.95 -32.26
N GLU C 179 -15.53 1.95 -32.38
CA GLU C 179 -16.15 1.79 -33.70
C GLU C 179 -15.73 2.93 -34.63
N LYS C 180 -15.19 3.99 -34.06
CA LYS C 180 -14.55 5.04 -34.85
C LYS C 180 -13.05 4.73 -34.99
N GLU C 181 -12.36 4.58 -33.85
CA GLU C 181 -10.90 4.46 -33.84
C GLU C 181 -10.39 3.10 -34.27
N ARG C 182 -9.78 3.05 -35.45
CA ARG C 182 -9.41 1.79 -36.09
C ARG C 182 -10.61 0.85 -36.13
N ASN C 183 -10.42 -0.42 -35.78
CA ASN C 183 -11.56 -1.22 -35.34
C ASN C 183 -11.31 -2.19 -34.18
N LYS C 184 -10.67 -3.33 -34.50
CA LYS C 184 -10.44 -4.41 -33.55
C LYS C 184 -11.73 -4.79 -32.79
N PHE C 185 -11.82 -4.43 -31.52
CA PHE C 185 -12.92 -4.86 -30.65
C PHE C 185 -14.31 -4.48 -31.15
N SER C 186 -14.39 -3.63 -32.17
CA SER C 186 -15.66 -3.37 -32.82
C SER C 186 -16.27 -4.70 -33.29
N GLU C 187 -15.43 -5.65 -33.70
CA GLU C 187 -15.89 -7.01 -34.02
C GLU C 187 -15.95 -7.97 -32.84
N LEU C 188 -15.36 -7.59 -31.70
CA LEU C 188 -15.17 -8.50 -30.57
C LEU C 188 -16.10 -8.09 -29.45
N TRP C 189 -16.17 -6.78 -29.22
CA TRP C 189 -17.05 -6.21 -28.21
C TRP C 189 -18.38 -5.91 -28.91
N ILE C 190 -19.46 -6.52 -28.43
CA ILE C 190 -20.79 -6.33 -29.03
C ILE C 190 -21.84 -6.18 -27.95
N VAL C 191 -22.98 -5.60 -28.32
CA VAL C 191 -24.08 -5.37 -27.41
C VAL C 191 -25.31 -6.16 -27.82
N MET D 4 -5.27 -36.06 -8.10
CA MET D 4 -6.29 -35.04 -7.74
C MET D 4 -5.68 -33.64 -7.82
N THR D 5 -6.43 -32.65 -7.32
CA THR D 5 -5.98 -31.27 -7.32
C THR D 5 -4.86 -30.99 -6.30
N THR D 6 -5.01 -31.52 -5.08
CA THR D 6 -4.02 -31.31 -4.02
C THR D 6 -2.59 -31.64 -4.43
N GLU D 7 -2.41 -32.76 -5.14
CA GLU D 7 -1.07 -33.17 -5.57
C GLU D 7 -0.43 -32.13 -6.47
N GLN D 8 -1.19 -31.59 -7.41
CA GLN D 8 -0.62 -30.65 -8.35
C GLN D 8 -0.41 -29.30 -7.66
N ARG D 9 -1.27 -28.96 -6.70
CA ARG D 9 -1.01 -27.78 -5.88
C ARG D 9 0.27 -27.87 -5.04
N ARG D 10 0.46 -28.97 -4.29
CA ARG D 10 1.67 -29.08 -3.51
C ARG D 10 2.90 -29.29 -4.42
N SER D 11 2.73 -30.06 -5.49
CA SER D 11 3.80 -30.21 -6.46
C SER D 11 4.20 -28.84 -6.99
N LEU D 12 3.22 -27.97 -7.23
CA LEU D 12 3.53 -26.58 -7.58
C LEU D 12 4.34 -25.91 -6.48
N GLN D 13 3.84 -25.97 -5.24
CA GLN D 13 4.55 -25.35 -4.12
C GLN D 13 6.00 -25.83 -3.99
N ALA D 14 6.22 -27.10 -4.27
CA ALA D 14 7.56 -27.69 -4.17
C ALA D 14 8.56 -26.86 -4.95
N PHE D 15 8.13 -26.37 -6.12
CA PHE D 15 8.98 -25.56 -6.99
C PHE D 15 8.91 -24.04 -6.80
N GLN D 16 8.18 -23.54 -5.81
CA GLN D 16 7.77 -22.13 -5.83
C GLN D 16 8.92 -21.14 -5.92
N ASP D 17 10.12 -21.55 -5.55
CA ASP D 17 11.26 -20.63 -5.53
C ASP D 17 11.56 -20.06 -6.92
N TYR D 18 11.61 -20.97 -7.88
CA TYR D 18 11.86 -20.61 -9.27
C TYR D 18 10.75 -19.75 -9.82
N ILE D 19 9.52 -20.20 -9.62
CA ILE D 19 8.35 -19.50 -10.14
C ILE D 19 8.40 -18.08 -9.60
N ARG D 20 8.55 -17.97 -8.29
CA ARG D 20 8.45 -16.69 -7.61
C ARG D 20 9.51 -15.75 -8.16
N LYS D 21 10.71 -16.25 -8.39
CA LYS D 21 11.76 -15.37 -8.90
C LYS D 21 11.85 -15.25 -10.42
N THR D 22 11.08 -16.06 -11.15
CA THR D 22 10.98 -15.91 -12.61
C THR D 22 9.73 -15.17 -13.10
N LEU D 23 8.82 -14.80 -12.20
CA LEU D 23 7.50 -14.32 -12.63
C LEU D 23 7.01 -13.02 -11.96
N ASP D 24 6.40 -12.15 -12.77
CA ASP D 24 5.67 -10.97 -12.30
C ASP D 24 4.18 -11.17 -12.63
N PRO D 25 3.33 -11.34 -11.61
CA PRO D 25 1.94 -11.79 -11.82
C PRO D 25 0.97 -10.90 -12.60
N THR D 26 1.20 -9.59 -12.70
CA THR D 26 0.21 -8.66 -13.26
C THR D 26 -0.21 -9.05 -14.70
N TYR D 27 0.71 -9.72 -15.39
CA TYR D 27 0.50 -10.12 -16.77
C TYR D 27 -0.50 -11.30 -16.74
N ILE D 28 -0.18 -12.23 -15.85
CA ILE D 28 -1.06 -13.36 -15.69
C ILE D 28 -2.31 -12.87 -14.97
N LEU D 29 -2.29 -11.67 -14.38
CA LEU D 29 -3.55 -11.09 -13.89
C LEU D 29 -4.41 -10.80 -15.09
N SER D 30 -3.85 -10.15 -16.12
CA SER D 30 -4.62 -9.98 -17.37
C SER D 30 -5.27 -11.29 -17.75
N TYR D 31 -4.51 -12.38 -17.76
CA TYR D 31 -5.16 -13.68 -18.04
C TYR D 31 -6.06 -14.31 -16.97
N MET D 32 -5.71 -14.20 -15.70
CA MET D 32 -6.32 -15.01 -14.64
C MET D 32 -7.67 -14.44 -14.21
N ALA D 33 -8.09 -13.36 -14.87
CA ALA D 33 -9.21 -12.53 -14.43
C ALA D 33 -10.42 -13.29 -13.88
N PRO D 34 -10.99 -14.22 -14.66
CA PRO D 34 -12.21 -14.86 -14.14
C PRO D 34 -11.99 -15.78 -12.95
N TRP D 35 -10.76 -16.23 -12.73
CA TRP D 35 -10.48 -17.17 -11.64
C TRP D 35 -10.23 -16.51 -10.28
N PHE D 36 -9.91 -15.22 -10.29
CA PHE D 36 -9.65 -14.52 -9.03
C PHE D 36 -10.75 -13.53 -8.70
N ARG D 37 -10.97 -13.34 -7.41
CA ARG D 37 -11.81 -12.27 -6.91
C ARG D 37 -11.06 -10.96 -7.16
N GLU D 38 -11.79 -9.88 -7.44
CA GLU D 38 -11.16 -8.58 -7.68
C GLU D 38 -10.33 -8.08 -6.48
N GLU D 39 -10.72 -8.49 -5.29
CA GLU D 39 -10.04 -8.07 -4.07
C GLU D 39 -8.60 -8.51 -4.13
N GLU D 40 -8.43 -9.82 -4.29
CA GLU D 40 -7.12 -10.41 -4.37
C GLU D 40 -6.34 -10.05 -5.64
N VAL D 41 -7.03 -9.77 -6.75
CA VAL D 41 -6.33 -9.33 -7.96
C VAL D 41 -5.65 -7.98 -7.69
N GLN D 42 -6.42 -7.06 -7.11
CA GLN D 42 -5.86 -5.76 -6.77
C GLN D 42 -4.81 -5.87 -5.68
N TYR D 43 -5.02 -6.74 -4.69
CA TYR D 43 -3.98 -6.98 -3.69
C TYR D 43 -2.66 -7.39 -4.35
N ILE D 44 -2.69 -8.41 -5.21
CA ILE D 44 -1.47 -8.81 -5.93
C ILE D 44 -0.84 -7.57 -6.53
N GLN D 45 -1.65 -6.76 -7.22
CA GLN D 45 -1.11 -5.52 -7.79
C GLN D 45 -0.50 -4.55 -6.76
N ALA D 46 -1.16 -4.37 -5.62
CA ALA D 46 -0.65 -3.45 -4.60
C ALA D 46 0.64 -3.96 -3.96
N GLU D 47 0.76 -5.27 -3.82
CA GLU D 47 1.99 -5.84 -3.31
C GLU D 47 3.09 -5.67 -4.33
N LYS D 48 2.80 -5.87 -5.62
CA LYS D 48 3.81 -5.50 -6.62
C LYS D 48 4.23 -4.05 -6.46
N ASN D 49 3.28 -3.12 -6.47
CA ASN D 49 3.65 -1.71 -6.51
C ASN D 49 4.21 -1.14 -5.21
N ASN D 50 3.98 -1.81 -4.08
CA ASN D 50 4.62 -1.42 -2.83
C ASN D 50 5.93 -2.17 -2.52
N LYS D 51 5.83 -3.48 -2.33
CA LYS D 51 6.97 -4.29 -1.90
C LYS D 51 7.89 -4.78 -3.02
N GLY D 52 7.38 -4.86 -4.25
CA GLY D 52 8.14 -5.36 -5.38
C GLY D 52 7.56 -6.63 -5.97
N PRO D 53 8.05 -7.03 -7.15
CA PRO D 53 7.51 -8.15 -7.91
C PRO D 53 7.65 -9.53 -7.24
N MET D 54 8.73 -9.79 -6.52
CA MET D 54 8.96 -11.10 -5.93
C MET D 54 7.90 -11.42 -4.86
N GLU D 55 7.73 -10.52 -3.90
CA GLU D 55 6.73 -10.70 -2.86
C GLU D 55 5.33 -10.76 -3.47
N ALA D 56 5.10 -9.92 -4.47
CA ALA D 56 3.85 -9.94 -5.21
C ALA D 56 3.59 -11.30 -5.84
N ALA D 57 4.63 -11.87 -6.45
CA ALA D 57 4.55 -13.20 -7.02
C ALA D 57 4.27 -14.23 -5.93
N THR D 58 5.01 -14.13 -4.84
CA THR D 58 4.89 -15.10 -3.75
C THR D 58 3.49 -15.07 -3.19
N LEU D 59 2.91 -13.88 -3.16
CA LEU D 59 1.52 -13.75 -2.76
C LEU D 59 0.60 -14.31 -3.82
N PHE D 60 0.86 -13.98 -5.08
CA PHE D 60 0.08 -14.52 -6.18
C PHE D 60 0.04 -16.05 -6.14
N LEU D 61 1.16 -16.65 -5.73
CA LEU D 61 1.20 -18.09 -5.53
C LEU D 61 0.31 -18.46 -4.35
N LYS D 62 0.55 -17.79 -3.23
CA LYS D 62 -0.26 -17.98 -2.02
C LYS D 62 -1.74 -17.98 -2.35
N PHE D 63 -2.17 -17.05 -3.20
CA PHE D 63 -3.57 -16.97 -3.61
C PHE D 63 -3.90 -18.05 -4.65
N LEU D 64 -2.97 -18.30 -5.56
CA LEU D 64 -3.17 -19.27 -6.63
C LEU D 64 -3.55 -20.63 -6.08
N LEU D 65 -2.76 -21.13 -5.12
CA LEU D 65 -3.02 -22.47 -4.62
C LEU D 65 -4.42 -22.56 -4.01
N GLU D 66 -4.88 -21.47 -3.39
CA GLU D 66 -6.19 -21.47 -2.75
C GLU D 66 -7.36 -21.71 -3.70
N LEU D 67 -7.12 -21.71 -5.00
CA LEU D 67 -8.22 -21.84 -5.97
C LEU D 67 -8.82 -23.23 -5.93
N GLN D 68 -10.12 -23.28 -5.62
CA GLN D 68 -10.82 -24.55 -5.56
C GLN D 68 -11.32 -24.98 -6.93
N GLU D 69 -11.91 -24.05 -7.67
CA GLU D 69 -12.70 -24.37 -8.83
C GLU D 69 -11.87 -25.06 -9.91
N GLU D 70 -12.53 -25.87 -10.73
CA GLU D 70 -11.87 -26.76 -11.68
C GLU D 70 -11.19 -26.08 -12.85
N GLY D 71 -10.11 -26.68 -13.31
CA GLY D 71 -9.36 -26.22 -14.47
C GLY D 71 -8.43 -25.06 -14.17
N TRP D 72 -8.39 -24.64 -12.91
CA TRP D 72 -7.60 -23.49 -12.50
C TRP D 72 -6.12 -23.65 -12.88
N PHE D 73 -5.68 -24.90 -12.91
CA PHE D 73 -4.29 -25.23 -13.14
C PHE D 73 -3.93 -24.92 -14.59
N ARG D 74 -4.61 -25.61 -15.50
CA ARG D 74 -4.38 -25.36 -16.92
C ARG D 74 -4.77 -23.92 -17.26
N GLY D 75 -5.61 -23.30 -16.43
CA GLY D 75 -5.86 -21.87 -16.57
C GLY D 75 -4.57 -21.11 -16.32
N PHE D 76 -3.94 -21.40 -15.18
CA PHE D 76 -2.65 -20.82 -14.84
C PHE D 76 -1.63 -21.07 -15.96
N LEU D 77 -1.52 -22.32 -16.40
CA LEU D 77 -0.60 -22.66 -17.49
C LEU D 77 -0.90 -21.91 -18.80
N ASP D 78 -2.13 -21.96 -19.29
CA ASP D 78 -2.47 -21.26 -20.53
C ASP D 78 -2.17 -19.79 -20.40
N ALA D 79 -2.43 -19.25 -19.21
CA ALA D 79 -2.07 -17.87 -18.94
C ALA D 79 -0.56 -17.69 -19.08
N LEU D 80 0.22 -18.58 -18.45
CA LEU D 80 1.68 -18.53 -18.59
C LEU D 80 2.13 -18.59 -20.05
N ASP D 81 1.64 -19.58 -20.78
CA ASP D 81 1.99 -19.77 -22.18
C ASP D 81 1.64 -18.55 -23.01
N HIS D 82 0.41 -18.10 -22.86
CA HIS D 82 -0.16 -17.08 -23.71
C HIS D 82 0.37 -15.69 -23.37
N ALA D 83 0.93 -15.55 -22.17
CA ALA D 83 1.44 -14.25 -21.70
C ALA D 83 2.88 -13.99 -22.15
N GLY D 84 3.56 -15.01 -22.64
CA GLY D 84 4.95 -14.87 -23.05
C GLY D 84 5.90 -15.51 -22.05
N TYR D 85 5.33 -16.16 -21.04
CA TYR D 85 6.10 -16.86 -20.01
C TYR D 85 6.41 -18.29 -20.46
N SER D 86 6.27 -18.53 -21.76
CA SER D 86 6.54 -19.85 -22.31
C SER D 86 8.00 -20.18 -22.03
N GLY D 87 8.22 -21.43 -21.65
CA GLY D 87 9.51 -21.91 -21.20
C GLY D 87 9.48 -22.07 -19.69
N LEU D 88 8.65 -21.28 -19.01
CA LEU D 88 8.31 -21.56 -17.63
C LEU D 88 7.17 -22.58 -17.69
N TYR D 89 6.22 -22.30 -18.59
CA TYR D 89 5.08 -23.17 -18.86
C TYR D 89 5.55 -24.55 -19.26
N GLU D 90 6.48 -24.55 -20.20
CA GLU D 90 7.14 -25.76 -20.67
C GLU D 90 7.65 -26.60 -19.48
N ALA D 91 8.46 -25.94 -18.66
CA ALA D 91 9.14 -26.59 -17.56
C ALA D 91 8.19 -27.04 -16.48
N ILE D 92 7.12 -26.26 -16.25
CA ILE D 92 6.14 -26.61 -15.24
C ILE D 92 5.17 -27.65 -15.77
N GLU D 93 4.92 -27.67 -17.07
CA GLU D 93 4.02 -28.68 -17.63
C GLU D 93 4.69 -30.03 -17.53
N SER D 94 5.99 -30.09 -17.79
CA SER D 94 6.71 -31.36 -17.59
C SER D 94 7.27 -31.51 -16.17
N TRP D 95 7.10 -30.48 -15.34
CA TRP D 95 7.68 -30.43 -13.98
C TRP D 95 9.20 -30.61 -13.99
N ASP D 96 9.86 -30.13 -15.04
CA ASP D 96 11.32 -30.26 -15.16
C ASP D 96 11.96 -28.94 -15.58
N PHE D 97 12.77 -28.37 -14.67
CA PHE D 97 13.30 -27.00 -14.80
C PHE D 97 14.77 -26.76 -15.22
N LYS D 98 15.53 -27.80 -15.59
CA LYS D 98 17.00 -27.67 -15.79
C LYS D 98 17.47 -26.42 -16.58
N LYS D 99 16.72 -26.10 -17.63
CA LYS D 99 17.04 -24.97 -18.50
C LYS D 99 17.15 -23.67 -17.69
N ILE D 100 16.13 -23.40 -16.90
CA ILE D 100 16.04 -22.17 -16.10
C ILE D 100 17.19 -22.07 -15.06
N GLU D 101 17.76 -23.21 -14.69
CA GLU D 101 18.89 -23.25 -13.75
C GLU D 101 20.23 -22.91 -14.46
N LYS D 102 20.43 -23.52 -15.64
CA LYS D 102 21.57 -23.13 -16.48
C LYS D 102 21.50 -21.58 -16.71
N LEU D 103 20.26 -21.13 -16.86
CA LEU D 103 20.00 -19.70 -16.82
C LEU D 103 20.50 -19.10 -15.52
N GLU D 104 20.12 -19.65 -14.36
CA GLU D 104 20.59 -19.12 -13.06
C GLU D 104 22.09 -18.78 -13.12
N GLU D 105 22.89 -19.69 -13.69
CA GLU D 105 24.29 -19.33 -14.00
C GLU D 105 24.42 -18.03 -14.76
N TYR D 106 23.94 -18.00 -16.01
CA TYR D 106 24.22 -16.76 -16.76
C TYR D 106 23.58 -15.54 -16.10
N ARG D 107 22.57 -15.77 -15.27
CA ARG D 107 21.90 -14.71 -14.55
C ARG D 107 22.85 -14.03 -13.55
N LEU D 108 23.48 -14.83 -12.69
CA LEU D 108 24.43 -14.21 -11.74
C LEU D 108 25.55 -13.55 -12.54
N LEU D 109 25.93 -14.16 -13.67
CA LEU D 109 26.96 -13.49 -14.48
C LEU D 109 26.53 -12.08 -14.79
N LEU D 110 25.37 -11.92 -15.43
CA LEU D 110 24.88 -10.58 -15.77
C LEU D 110 24.82 -9.67 -14.56
N LYS D 111 24.20 -10.12 -13.47
CA LYS D 111 24.06 -9.25 -12.29
C LYS D 111 25.43 -8.73 -11.85
N ARG D 112 26.49 -9.54 -11.97
CA ARG D 112 27.81 -9.03 -11.58
C ARG D 112 28.35 -7.89 -12.46
N LEU D 113 28.01 -7.83 -13.76
CA LEU D 113 28.47 -6.73 -14.61
C LEU D 113 27.42 -5.65 -14.79
N GLN D 114 26.28 -5.80 -14.12
CA GLN D 114 25.14 -4.90 -14.32
C GLN D 114 25.49 -3.41 -14.37
N PRO D 115 26.38 -2.93 -13.49
CA PRO D 115 26.65 -1.49 -13.60
C PRO D 115 27.31 -1.15 -14.94
N GLU D 116 28.25 -1.99 -15.34
CA GLU D 116 29.02 -1.76 -16.56
C GLU D 116 28.11 -1.94 -17.77
N PHE D 117 27.26 -2.96 -17.71
CA PHE D 117 26.22 -3.15 -18.71
C PHE D 117 25.36 -1.91 -18.82
N LYS D 118 24.80 -1.51 -17.68
CA LYS D 118 23.93 -0.34 -17.60
C LYS D 118 24.57 0.81 -18.33
N THR D 119 25.83 1.10 -18.01
CA THR D 119 26.52 2.21 -18.65
C THR D 119 26.75 1.97 -20.15
N ARG D 120 27.12 0.75 -20.53
CA ARG D 120 27.51 0.47 -21.92
C ARG D 120 26.37 0.37 -22.95
N ILE D 121 25.22 -0.20 -22.56
CA ILE D 121 24.22 -0.61 -23.53
C ILE D 121 23.12 0.43 -23.72
N ILE D 122 22.71 0.61 -24.97
CA ILE D 122 21.60 1.49 -25.34
C ILE D 122 20.36 0.65 -25.67
N PRO D 123 19.35 0.65 -24.79
CA PRO D 123 18.23 -0.28 -24.95
C PRO D 123 17.46 -0.15 -26.26
N THR D 124 17.34 1.06 -26.79
CA THR D 124 16.48 1.31 -27.95
C THR D 124 16.80 0.34 -29.09
N ASP D 125 18.07 0.28 -29.48
CA ASP D 125 18.47 -0.55 -30.62
C ASP D 125 18.32 -2.05 -30.40
N ILE D 126 18.84 -2.57 -29.29
CA ILE D 126 18.92 -4.02 -29.07
C ILE D 126 17.60 -4.68 -28.64
N ILE D 127 16.77 -3.92 -27.92
CA ILE D 127 15.56 -4.48 -27.31
C ILE D 127 14.62 -5.21 -28.28
N SER D 128 14.39 -4.62 -29.45
CA SER D 128 13.54 -5.22 -30.49
C SER D 128 13.91 -6.68 -30.80
N ASP D 129 15.20 -6.94 -30.94
CA ASP D 129 15.68 -8.26 -31.32
C ASP D 129 15.34 -9.32 -30.25
N LEU D 130 15.62 -9.00 -28.99
CA LEU D 130 15.37 -9.88 -27.86
C LEU D 130 13.95 -9.70 -27.31
N SER D 131 13.08 -9.10 -28.11
CA SER D 131 11.67 -8.99 -27.73
C SER D 131 10.97 -10.30 -27.40
N GLU D 132 11.23 -11.36 -28.16
CA GLU D 132 10.72 -12.68 -27.77
C GLU D 132 11.22 -13.07 -26.38
N CYS D 133 12.41 -12.59 -26.00
CA CYS D 133 13.02 -12.98 -24.74
C CYS D 133 12.39 -12.33 -23.50
N LEU D 134 11.49 -11.37 -23.69
CA LEU D 134 10.84 -10.68 -22.57
C LEU D 134 9.31 -10.69 -22.72
N ILE D 135 8.61 -10.41 -21.62
CA ILE D 135 7.16 -10.24 -21.65
C ILE D 135 6.88 -8.87 -22.28
N ASN D 136 5.69 -8.71 -22.84
CA ASN D 136 5.36 -7.53 -23.63
C ASN D 136 5.43 -6.23 -22.81
N GLN D 137 4.80 -6.25 -21.64
CA GLN D 137 4.89 -5.10 -20.74
C GLN D 137 6.35 -4.74 -20.48
N GLU D 138 7.17 -5.77 -20.28
CA GLU D 138 8.59 -5.56 -20.05
C GLU D 138 9.17 -4.81 -21.24
N CYS D 139 8.82 -5.18 -22.47
CA CYS D 139 9.30 -4.45 -23.63
C CYS D 139 8.85 -2.99 -23.66
N GLU D 140 7.54 -2.72 -23.57
CA GLU D 140 7.09 -1.32 -23.67
C GLU D 140 7.37 -0.51 -22.41
N GLU D 141 7.39 -1.18 -21.26
CA GLU D 141 8.03 -0.60 -20.09
C GLU D 141 9.48 -0.62 -20.59
N ILE D 142 10.28 0.37 -20.23
CA ILE D 142 11.66 0.60 -20.74
C ILE D 142 11.79 1.43 -22.01
N LEU D 143 10.84 1.38 -22.93
CA LEU D 143 10.87 2.32 -24.06
C LEU D 143 10.63 3.67 -23.40
N GLN D 144 9.53 3.67 -22.65
CA GLN D 144 9.08 4.78 -21.84
C GLN D 144 10.08 5.20 -20.77
N ILE D 145 10.84 4.25 -20.26
CA ILE D 145 11.84 4.54 -19.23
C ILE D 145 12.91 5.39 -19.86
N CYS D 146 13.67 4.83 -20.78
CA CYS D 146 14.79 5.56 -21.35
C CYS D 146 14.28 6.77 -22.10
N SER D 147 12.99 6.79 -22.42
CA SER D 147 12.39 8.00 -22.94
C SER D 147 12.17 9.10 -21.87
N THR D 148 11.56 8.78 -20.73
CA THR D 148 11.26 9.77 -19.69
C THR D 148 12.25 9.89 -18.54
N LYS D 149 13.18 8.94 -18.45
CA LYS D 149 14.08 8.87 -17.31
C LYS D 149 15.51 8.97 -17.85
N GLY D 150 15.83 8.07 -18.78
CA GLY D 150 17.11 8.09 -19.47
C GLY D 150 17.64 6.71 -19.77
N MET D 151 18.70 6.67 -20.58
CA MET D 151 19.24 5.44 -21.11
C MET D 151 19.70 4.56 -19.96
N MET D 152 20.12 5.22 -18.89
CA MET D 152 20.61 4.55 -17.70
C MET D 152 19.54 3.61 -17.18
N ALA D 153 18.42 4.21 -16.78
CA ALA D 153 17.27 3.49 -16.26
C ALA D 153 16.81 2.42 -17.22
N GLY D 154 16.79 2.76 -18.51
CA GLY D 154 16.42 1.79 -19.52
C GLY D 154 17.27 0.55 -19.41
N ALA D 155 18.59 0.70 -19.48
CA ALA D 155 19.48 -0.44 -19.35
C ALA D 155 19.33 -1.19 -18.02
N GLU D 156 19.35 -0.46 -16.90
CA GLU D 156 19.21 -1.09 -15.57
C GLU D 156 17.93 -1.93 -15.46
N LYS D 157 16.83 -1.35 -15.93
CA LYS D 157 15.54 -2.01 -15.95
C LYS D 157 15.56 -3.16 -16.94
N LEU D 158 16.32 -2.96 -18.01
CA LEU D 158 16.50 -4.02 -19.00
C LEU D 158 17.07 -5.22 -18.25
N VAL D 159 18.12 -4.96 -17.47
CA VAL D 159 18.73 -6.02 -16.66
C VAL D 159 17.71 -6.63 -15.71
N GLU D 160 16.96 -5.81 -14.99
CA GLU D 160 15.92 -6.35 -14.13
C GLU D 160 14.98 -7.33 -14.85
N CYS D 161 14.44 -6.92 -15.99
CA CYS D 161 13.54 -7.78 -16.74
C CYS D 161 14.24 -8.99 -17.35
N LEU D 162 15.50 -8.83 -17.75
CA LEU D 162 16.25 -9.94 -18.34
C LEU D 162 16.59 -10.99 -17.30
N LEU D 163 17.03 -10.57 -16.13
CA LEU D 163 17.32 -11.51 -15.04
C LEU D 163 16.11 -12.35 -14.69
N ARG D 164 14.92 -11.80 -14.85
CA ARG D 164 13.71 -12.54 -14.53
C ARG D 164 13.30 -13.49 -15.67
N SER D 165 13.92 -13.32 -16.83
CA SER D 165 13.55 -14.06 -18.04
C SER D 165 13.64 -15.57 -17.91
N ASP D 166 12.63 -16.25 -18.46
CA ASP D 166 12.52 -17.70 -18.46
C ASP D 166 12.98 -18.35 -19.77
N LYS D 167 13.50 -17.56 -20.70
CA LYS D 167 13.84 -18.07 -22.03
C LYS D 167 15.04 -19.00 -22.01
N GLU D 168 14.88 -20.17 -22.61
CA GLU D 168 15.92 -21.20 -22.64
C GLU D 168 17.28 -20.62 -23.03
N ASN D 169 17.33 -19.96 -24.18
CA ASN D 169 18.57 -19.50 -24.76
C ASN D 169 18.96 -18.02 -24.56
N TRP D 170 18.21 -17.25 -23.77
CA TRP D 170 18.36 -15.78 -23.81
C TRP D 170 19.80 -15.24 -23.70
N PRO D 171 20.71 -15.87 -22.94
CA PRO D 171 22.06 -15.30 -23.00
C PRO D 171 22.67 -15.33 -24.41
N LYS D 172 22.37 -16.39 -25.14
CA LYS D 172 22.83 -16.52 -26.52
C LYS D 172 22.15 -15.47 -27.40
N THR D 173 20.84 -15.36 -27.25
CA THR D 173 20.06 -14.39 -28.00
C THR D 173 20.52 -12.98 -27.72
N LEU D 174 20.85 -12.72 -26.46
CA LEU D 174 21.35 -11.42 -26.06
C LEU D 174 22.67 -11.18 -26.78
N LYS D 175 23.61 -12.13 -26.66
CA LYS D 175 24.89 -11.97 -27.34
C LYS D 175 24.71 -11.71 -28.82
N LEU D 176 23.80 -12.42 -29.47
CA LEU D 176 23.56 -12.15 -30.88
C LEU D 176 23.02 -10.74 -31.10
N ALA D 177 22.03 -10.33 -30.30
CA ALA D 177 21.43 -9.02 -30.50
C ALA D 177 22.41 -7.86 -30.25
N LEU D 178 23.33 -8.02 -29.30
CA LEU D 178 24.34 -6.98 -29.09
C LEU D 178 25.55 -7.11 -30.02
N GLU D 179 25.92 -8.35 -30.37
CA GLU D 179 27.10 -8.58 -31.21
C GLU D 179 26.93 -8.01 -32.61
N LYS D 180 25.69 -7.69 -32.99
CA LYS D 180 25.44 -7.00 -34.25
C LYS D 180 25.57 -5.49 -34.08
N GLU D 181 24.76 -4.87 -33.22
CA GLU D 181 24.76 -3.42 -33.08
C GLU D 181 25.98 -3.04 -32.24
N ARG D 182 26.86 -2.21 -32.79
CA ARG D 182 28.19 -2.04 -32.22
C ARG D 182 28.83 -3.47 -32.14
N ASN D 183 29.35 -4.02 -31.03
CA ASN D 183 29.45 -3.46 -29.68
C ASN D 183 30.72 -3.90 -28.97
N LYS D 184 31.13 -3.09 -28.01
CA LYS D 184 32.32 -3.34 -27.23
C LYS D 184 32.01 -4.38 -26.16
N PHE D 185 30.83 -4.24 -25.54
CA PHE D 185 30.43 -5.07 -24.41
C PHE D 185 30.26 -6.52 -24.86
N SER D 186 30.20 -6.73 -26.18
CA SER D 186 30.19 -8.06 -26.78
C SER D 186 31.40 -8.90 -26.40
N GLU D 187 32.53 -8.23 -26.14
CA GLU D 187 33.73 -8.93 -25.71
C GLU D 187 33.65 -9.26 -24.23
N LEU D 188 32.67 -8.66 -23.57
CA LEU D 188 32.55 -8.80 -22.12
C LEU D 188 31.41 -9.70 -21.71
N TRP D 189 30.68 -10.30 -22.66
CA TRP D 189 29.58 -11.13 -22.20
C TRP D 189 29.99 -12.60 -22.16
N ILE D 190 29.62 -13.50 -23.08
CA ILE D 190 30.42 -14.63 -23.60
C ILE D 190 29.45 -15.79 -23.91
N VAL D 191 30.00 -16.94 -24.35
CA VAL D 191 29.26 -18.20 -24.51
C VAL D 191 28.17 -18.39 -23.46
N MET E 4 25.43 26.22 31.48
CA MET E 4 24.65 25.37 30.55
C MET E 4 25.28 24.00 30.57
N GLN E 5 24.49 22.98 30.22
CA GLN E 5 24.93 21.59 30.32
C GLN E 5 24.50 20.74 29.13
N ILE E 6 25.36 19.82 28.72
CA ILE E 6 25.03 18.93 27.60
C ILE E 6 25.53 17.51 27.89
N PHE E 7 25.20 16.58 27.00
CA PHE E 7 25.52 15.19 27.19
C PHE E 7 26.39 14.71 26.03
N VAL E 8 27.27 13.75 26.27
CA VAL E 8 28.08 13.18 25.20
C VAL E 8 28.07 11.66 25.34
N LYS E 9 27.65 10.99 24.27
CA LYS E 9 27.40 9.55 24.29
C LYS E 9 28.19 8.80 23.22
N THR E 10 29.14 7.97 23.66
CA THR E 10 29.87 7.13 22.72
C THR E 10 28.92 6.04 22.24
N LEU E 11 29.27 5.40 21.13
CA LEU E 11 28.45 4.37 20.52
C LEU E 11 28.33 3.13 21.38
N THR E 12 29.26 2.97 22.31
CA THR E 12 29.26 1.79 23.15
C THR E 12 28.02 1.82 24.04
N GLY E 13 27.44 3.01 24.21
CA GLY E 13 26.27 3.18 25.04
C GLY E 13 26.63 4.04 26.24
N LYS E 14 27.92 4.30 26.43
CA LYS E 14 28.42 5.04 27.58
C LYS E 14 28.00 6.50 27.56
N THR E 15 28.25 7.18 28.68
CA THR E 15 27.71 8.52 28.87
C THR E 15 28.49 9.47 29.77
N ILE E 16 28.66 10.72 29.32
CA ILE E 16 29.15 11.78 30.21
C ILE E 16 28.38 13.08 30.00
N THR E 17 28.30 13.86 31.06
CA THR E 17 27.62 15.14 31.03
C THR E 17 28.71 16.19 31.05
N LEU E 18 28.66 17.12 30.11
CA LEU E 18 29.63 18.20 30.03
C LEU E 18 29.05 19.55 30.34
N GLU E 19 29.86 20.29 31.10
CA GLU E 19 29.58 21.66 31.48
C GLU E 19 30.32 22.57 30.51
N VAL E 20 29.55 23.35 29.76
CA VAL E 20 30.09 24.20 28.71
C VAL E 20 29.35 25.52 28.68
N GLU E 21 29.77 26.40 27.78
CA GLU E 21 29.11 27.68 27.59
C GLU E 21 28.69 27.73 26.13
N PRO E 22 27.67 28.52 25.81
CA PRO E 22 27.24 28.57 24.40
C PRO E 22 28.37 29.03 23.46
N SER E 23 29.28 29.84 23.99
CA SER E 23 30.37 30.40 23.21
C SER E 23 31.51 29.40 22.98
N ASP E 24 31.52 28.31 23.74
CA ASP E 24 32.64 27.38 23.68
C ASP E 24 32.84 26.74 22.31
N THR E 25 34.11 26.42 22.04
CA THR E 25 34.54 25.86 20.76
C THR E 25 34.76 24.35 20.83
N ILE E 26 34.53 23.66 19.73
CA ILE E 26 34.69 22.21 19.67
C ILE E 26 36.05 21.76 20.17
N GLU E 27 37.10 22.55 19.94
CA GLU E 27 38.40 22.22 20.53
C GLU E 27 38.25 22.13 22.04
N ASN E 28 37.56 23.12 22.60
CA ASN E 28 37.31 23.16 24.03
C ASN E 28 36.62 21.90 24.48
N VAL E 29 35.54 21.55 23.78
CA VAL E 29 34.77 20.37 24.11
C VAL E 29 35.60 19.09 24.00
N LYS E 30 36.32 18.92 22.89
CA LYS E 30 37.13 17.72 22.70
C LYS E 30 38.17 17.60 23.82
N ALA E 31 38.81 18.72 24.15
CA ALA E 31 39.80 18.75 25.23
C ALA E 31 39.13 18.55 26.59
N LYS E 32 37.92 19.07 26.72
CA LYS E 32 37.12 18.93 27.93
C LYS E 32 36.73 17.44 28.12
N ILE E 33 36.41 16.80 27.01
CA ILE E 33 36.12 15.36 27.00
C ILE E 33 37.38 14.61 27.33
N GLN E 34 38.52 15.07 26.83
CA GLN E 34 39.77 14.46 27.24
C GLN E 34 39.95 14.65 28.74
N ASP E 35 39.60 15.84 29.22
CA ASP E 35 39.72 16.16 30.63
C ASP E 35 38.92 15.15 31.45
N LYS E 36 37.72 14.82 31.00
CA LYS E 36 36.93 13.78 31.68
C LYS E 36 37.38 12.34 31.41
N GLU E 37 37.24 11.89 30.17
CA GLU E 37 37.41 10.47 29.84
C GLU E 37 38.81 10.01 29.43
N GLY E 38 39.69 10.96 29.10
CA GLY E 38 41.09 10.65 28.83
C GLY E 38 41.46 10.50 27.37
N ILE E 39 40.48 10.59 26.47
CA ILE E 39 40.75 10.44 25.04
C ILE E 39 41.34 11.74 24.49
N PRO E 40 42.51 11.68 23.82
CA PRO E 40 43.12 12.90 23.30
C PRO E 40 42.24 13.62 22.27
N PRO E 41 42.36 14.95 22.16
CA PRO E 41 41.52 15.69 21.21
C PRO E 41 41.71 15.18 19.79
N ASP E 42 42.88 14.62 19.52
CA ASP E 42 43.22 14.11 18.20
C ASP E 42 42.29 12.99 17.74
N GLN E 43 42.09 12.00 18.60
CA GLN E 43 41.32 10.80 18.23
C GLN E 43 39.81 11.01 18.29
N GLN E 44 39.40 12.11 18.88
CA GLN E 44 37.99 12.39 19.11
C GLN E 44 37.24 12.87 17.89
N ARG E 45 36.08 12.27 17.62
CA ARG E 45 35.19 12.80 16.59
C ARG E 45 33.75 12.97 17.09
N LEU E 46 33.30 14.23 17.14
CA LEU E 46 31.96 14.56 17.63
C LEU E 46 30.99 14.70 16.48
N ILE E 47 29.80 14.12 16.65
CA ILE E 47 28.74 14.25 15.66
C ILE E 47 27.46 14.73 16.34
N PHE E 48 26.78 15.68 15.70
CA PHE E 48 25.49 16.13 16.20
C PHE E 48 24.47 16.19 15.05
N ALA E 49 23.38 15.43 15.19
CA ALA E 49 22.33 15.38 14.17
C ALA E 49 22.87 14.95 12.81
N GLY E 50 23.81 14.03 12.84
CA GLY E 50 24.39 13.43 11.65
C GLY E 50 25.38 14.30 10.89
N LYS E 51 25.99 15.24 11.59
CA LYS E 51 27.04 16.06 10.99
C LYS E 51 28.23 16.09 11.93
N GLN E 52 29.39 15.74 11.40
CA GLN E 52 30.65 15.82 12.14
C GLN E 52 31.06 17.27 12.45
N LEU E 53 31.33 17.54 13.71
CA LEU E 53 31.68 18.90 14.15
C LEU E 53 33.17 19.19 14.03
N GLU E 54 33.47 20.31 13.37
CA GLU E 54 34.84 20.75 13.12
C GLU E 54 35.32 21.62 14.29
N ASP E 55 36.60 21.50 14.60
CA ASP E 55 37.19 22.14 15.77
C ASP E 55 37.00 23.64 15.86
N GLY E 56 37.06 24.34 14.73
CA GLY E 56 37.03 25.79 14.74
C GLY E 56 35.73 26.45 15.17
N ARG E 57 34.61 25.86 14.80
CA ARG E 57 33.30 26.46 15.09
C ARG E 57 32.93 26.28 16.57
N THR E 58 31.83 26.91 16.99
CA THR E 58 31.38 26.85 18.38
C THR E 58 30.04 26.13 18.50
N LEU E 59 29.57 25.92 19.73
CA LEU E 59 28.33 25.21 19.98
C LEU E 59 27.11 25.96 19.46
N SER E 60 27.12 27.28 19.64
CA SER E 60 25.98 28.11 19.26
C SER E 60 25.82 28.11 17.74
N ASP E 61 26.94 27.94 17.04
CA ASP E 61 26.94 27.94 15.58
C ASP E 61 26.15 26.73 15.08
N TYR E 62 26.23 25.66 15.85
CA TYR E 62 25.55 24.40 15.52
C TYR E 62 24.18 24.24 16.19
N ASN E 63 23.75 25.26 16.94
CA ASN E 63 22.45 25.25 17.63
C ASN E 63 22.31 24.14 18.69
N ILE E 64 23.28 24.08 19.60
CA ILE E 64 23.25 23.16 20.73
C ILE E 64 22.80 23.84 22.03
N GLN E 65 21.60 23.48 22.51
CA GLN E 65 21.07 24.00 23.76
C GLN E 65 21.30 23.03 24.92
N LYS E 66 20.71 23.33 26.09
CA LYS E 66 20.90 22.53 27.29
C LYS E 66 20.32 21.14 27.09
N GLU E 67 21.05 20.14 27.59
CA GLU E 67 20.66 18.74 27.50
C GLU E 67 20.72 18.24 26.06
N SER E 68 21.51 18.89 25.22
CA SER E 68 21.74 18.37 23.89
C SER E 68 22.66 17.17 24.01
N THR E 69 22.64 16.32 22.98
CA THR E 69 23.48 15.13 22.98
C THR E 69 24.41 15.07 21.78
N LEU E 70 25.72 15.12 22.04
CA LEU E 70 26.72 14.88 21.00
C LEU E 70 27.12 13.40 21.03
N HIS E 71 27.36 12.82 19.86
CA HIS E 71 27.92 11.47 19.78
C HIS E 71 29.42 11.52 19.53
N LEU E 72 30.18 10.92 20.44
CA LEU E 72 31.61 10.75 20.30
C LEU E 72 31.93 9.54 19.42
N VAL E 73 32.96 9.65 18.60
CA VAL E 73 33.49 8.51 17.85
C VAL E 73 34.98 8.48 18.14
N LEU E 74 35.54 7.27 18.07
CA LEU E 74 36.92 7.02 18.43
C LEU E 74 37.81 6.89 17.19
N ARG E 75 39.12 6.79 17.44
CA ARG E 75 40.16 6.70 16.41
C ARG E 75 39.75 7.26 15.05
N MET F 4 -22.38 28.43 37.85
CA MET F 4 -21.72 27.24 37.25
C MET F 4 -20.27 27.15 37.73
N GLN F 5 -19.72 25.95 37.71
CA GLN F 5 -18.42 25.64 38.29
C GLN F 5 -17.64 24.70 37.38
N ILE F 6 -16.33 24.91 37.27
CA ILE F 6 -15.48 24.10 36.39
C ILE F 6 -14.15 23.76 37.04
N PHE F 7 -13.36 22.95 36.34
CA PHE F 7 -12.10 22.43 36.87
C PHE F 7 -10.89 22.89 36.08
N VAL F 8 -9.76 22.98 36.78
CA VAL F 8 -8.49 23.38 36.20
C VAL F 8 -7.47 22.39 36.73
N LYS F 9 -6.75 21.74 35.80
CA LYS F 9 -5.91 20.59 36.16
C LYS F 9 -4.44 20.81 35.82
N THR F 10 -3.64 20.97 36.88
CA THR F 10 -2.19 21.13 36.73
C THR F 10 -1.53 19.80 36.38
N LEU F 11 -0.31 19.89 35.86
CA LEU F 11 0.45 18.70 35.47
C LEU F 11 0.83 17.90 36.69
N THR F 12 0.83 18.55 37.84
CA THR F 12 1.26 17.94 39.09
C THR F 12 0.24 16.87 39.50
N GLY F 13 -0.97 17.01 38.97
CA GLY F 13 -2.06 16.10 39.25
C GLY F 13 -3.12 16.75 40.14
N LYS F 14 -2.75 17.82 40.82
CA LYS F 14 -3.69 18.51 41.69
C LYS F 14 -4.75 19.15 40.82
N THR F 15 -5.97 19.23 41.33
CA THR F 15 -7.10 19.76 40.58
C THR F 15 -7.75 20.85 41.39
N ILE F 16 -7.91 22.01 40.76
CA ILE F 16 -8.55 23.15 41.43
C ILE F 16 -9.83 23.52 40.67
N THR F 17 -10.83 23.98 41.41
CA THR F 17 -12.15 24.30 40.86
C THR F 17 -12.40 25.80 40.83
N LEU F 18 -12.85 26.31 39.67
CA LEU F 18 -13.13 27.73 39.54
C LEU F 18 -14.63 27.95 39.32
N GLU F 19 -15.20 28.92 40.04
CA GLU F 19 -16.59 29.29 39.86
C GLU F 19 -16.75 30.56 39.04
N VAL F 20 -17.30 30.41 37.84
CA VAL F 20 -17.45 31.49 36.87
C VAL F 20 -18.75 31.31 36.10
N GLU F 21 -19.02 32.24 35.18
CA GLU F 21 -20.13 32.10 34.24
C GLU F 21 -19.57 32.21 32.83
N PRO F 22 -20.33 31.73 31.82
CA PRO F 22 -19.87 31.78 30.42
C PRO F 22 -19.46 33.19 29.96
N SER F 23 -19.92 34.22 30.65
CA SER F 23 -19.66 35.59 30.23
C SER F 23 -18.21 36.03 30.48
N ASP F 24 -17.50 35.34 31.35
CA ASP F 24 -16.11 35.67 31.65
C ASP F 24 -15.18 35.43 30.47
N THR F 25 -14.09 36.20 30.42
CA THR F 25 -13.10 36.10 29.35
C THR F 25 -11.92 35.29 29.86
N ILE F 26 -11.29 34.52 28.97
CA ILE F 26 -10.17 33.67 29.37
C ILE F 26 -9.06 34.47 30.05
N GLU F 27 -8.88 35.73 29.64
CA GLU F 27 -7.95 36.62 30.33
C GLU F 27 -8.39 36.76 31.78
N ASN F 28 -9.68 37.00 31.98
CA ASN F 28 -10.24 37.10 33.33
C ASN F 28 -10.01 35.82 34.10
N VAL F 29 -10.26 34.68 33.48
CA VAL F 29 -10.07 33.37 34.11
C VAL F 29 -8.61 33.25 34.56
N LYS F 30 -7.70 33.57 33.65
CA LYS F 30 -6.28 33.57 33.94
C LYS F 30 -5.98 34.50 35.11
N ALA F 31 -6.64 35.65 35.09
CA ALA F 31 -6.52 36.62 36.17
C ALA F 31 -7.10 36.07 37.46
N LYS F 32 -8.17 35.29 37.38
CA LYS F 32 -8.72 34.72 38.60
C LYS F 32 -7.73 33.73 39.16
N ILE F 33 -7.08 32.95 38.30
CA ILE F 33 -6.03 32.06 38.75
C ILE F 33 -4.84 32.83 39.32
N GLN F 34 -4.49 33.96 38.72
CA GLN F 34 -3.45 34.77 39.33
C GLN F 34 -3.83 35.29 40.72
N ASP F 35 -5.01 35.89 40.85
CA ASP F 35 -5.43 36.42 42.14
C ASP F 35 -5.56 35.29 43.17
N LYS F 36 -6.11 34.15 42.75
CA LYS F 36 -6.30 33.02 43.67
C LYS F 36 -5.01 32.28 44.00
N GLU F 37 -4.41 31.64 43.01
CA GLU F 37 -3.31 30.71 43.27
C GLU F 37 -1.90 31.32 43.18
N GLY F 38 -1.81 32.53 42.63
CA GLY F 38 -0.55 33.25 42.60
C GLY F 38 0.22 33.15 41.28
N ILE F 39 -0.30 32.39 40.33
CA ILE F 39 0.36 32.21 39.04
C ILE F 39 0.11 33.41 38.11
N PRO F 40 1.18 34.03 37.57
CA PRO F 40 0.98 35.18 36.66
C PRO F 40 0.24 34.82 35.37
N PRO F 41 -0.54 35.76 34.80
CA PRO F 41 -1.31 35.47 33.59
C PRO F 41 -0.46 35.07 32.39
N ASP F 42 0.76 35.58 32.32
CA ASP F 42 1.66 35.31 31.21
C ASP F 42 1.96 33.82 31.13
N GLN F 43 2.29 33.24 32.27
CA GLN F 43 2.77 31.86 32.31
C GLN F 43 1.64 30.86 32.14
N GLN F 44 0.40 31.32 32.30
CA GLN F 44 -0.75 30.43 32.26
C GLN F 44 -1.08 30.02 30.83
N ARG F 45 -1.25 28.72 30.59
CA ARG F 45 -1.80 28.28 29.31
C ARG F 45 -2.94 27.30 29.53
N LEU F 46 -4.15 27.70 29.17
CA LEU F 46 -5.33 26.88 29.42
C LEU F 46 -5.71 26.08 28.17
N ILE F 47 -6.05 24.81 28.37
CA ILE F 47 -6.46 23.91 27.29
C ILE F 47 -7.83 23.32 27.61
N PHE F 48 -8.69 23.24 26.60
CA PHE F 48 -9.98 22.58 26.76
C PHE F 48 -10.28 21.52 25.72
N ALA F 49 -10.42 20.28 26.18
CA ALA F 49 -10.79 19.17 25.31
C ALA F 49 -9.85 19.11 24.10
N GLY F 50 -8.57 19.38 24.35
CA GLY F 50 -7.58 19.32 23.30
C GLY F 50 -7.53 20.54 22.39
N LYS F 51 -7.90 21.70 22.93
CA LYS F 51 -7.75 22.95 22.21
C LYS F 51 -7.12 23.99 23.14
N GLN F 52 -6.01 24.58 22.72
CA GLN F 52 -5.40 25.67 23.50
C GLN F 52 -6.38 26.84 23.51
N LEU F 53 -6.63 27.39 24.69
CA LEU F 53 -7.64 28.43 24.88
C LEU F 53 -7.12 29.84 24.63
N GLU F 54 -7.84 30.60 23.80
CA GLU F 54 -7.46 31.96 23.43
C GLU F 54 -7.94 32.98 24.45
N ASP F 55 -7.06 33.95 24.75
CA ASP F 55 -7.34 34.96 25.76
C ASP F 55 -8.57 35.81 25.43
N GLY F 56 -8.71 36.17 24.16
CA GLY F 56 -9.76 37.07 23.71
C GLY F 56 -11.16 36.47 23.81
N ARG F 57 -11.23 35.15 23.64
CA ARG F 57 -12.49 34.41 23.58
C ARG F 57 -13.16 34.36 24.94
N THR F 58 -14.42 33.92 24.93
CA THR F 58 -15.22 33.84 26.14
C THR F 58 -15.42 32.36 26.41
N LEU F 59 -16.02 32.06 27.57
CA LEU F 59 -16.20 30.67 27.97
C LEU F 59 -17.23 29.94 27.10
N SER F 60 -18.29 30.64 26.72
CA SER F 60 -19.36 30.06 25.91
C SER F 60 -18.93 29.74 24.48
N ASP F 61 -17.97 30.52 23.99
CA ASP F 61 -17.54 30.42 22.60
C ASP F 61 -16.89 29.07 22.30
N TYR F 62 -16.25 28.53 23.33
CA TYR F 62 -15.57 27.24 23.27
C TYR F 62 -16.51 26.12 23.70
N ASN F 63 -17.74 26.49 24.02
CA ASN F 63 -18.76 25.55 24.45
C ASN F 63 -18.26 24.83 25.69
N ILE F 64 -17.76 25.60 26.65
CA ILE F 64 -17.28 25.03 27.90
C ILE F 64 -18.38 25.19 28.94
N GLN F 65 -18.99 24.07 29.29
CA GLN F 65 -20.10 24.06 30.23
C GLN F 65 -19.65 23.75 31.65
N LYS F 66 -20.61 23.55 32.54
CA LYS F 66 -20.34 23.27 33.95
C LYS F 66 -19.68 21.91 34.20
N GLU F 67 -18.76 21.90 35.16
CA GLU F 67 -18.07 20.71 35.62
C GLU F 67 -17.16 20.16 34.54
N SER F 68 -16.79 21.04 33.60
CA SER F 68 -15.77 20.76 32.60
C SER F 68 -14.37 20.85 33.18
N THR F 69 -13.39 20.29 32.47
CA THR F 69 -12.00 20.33 32.88
C THR F 69 -11.11 21.06 31.88
N LEU F 70 -10.56 22.18 32.32
CA LEU F 70 -9.50 22.87 31.58
C LEU F 70 -8.17 22.38 32.11
N HIS F 71 -7.20 22.18 31.22
CA HIS F 71 -5.84 21.90 31.65
C HIS F 71 -4.95 23.14 31.53
N LEU F 72 -4.42 23.59 32.66
CA LEU F 72 -3.41 24.65 32.67
C LEU F 72 -2.03 24.04 32.47
N VAL F 73 -1.18 24.71 31.68
CA VAL F 73 0.25 24.35 31.59
C VAL F 73 1.02 25.67 31.73
N LEU F 74 2.28 25.58 32.14
CA LEU F 74 3.16 26.75 32.31
C LEU F 74 4.45 26.47 31.54
N ARG F 75 5.27 27.50 31.35
CA ARG F 75 6.51 27.37 30.59
C ARG F 75 7.75 27.54 31.47
N LEU F 76 8.52 26.46 31.63
CA LEU F 76 9.78 26.51 32.36
C LEU F 76 10.96 26.41 31.41
N MET G 4 -38.99 22.58 1.42
CA MET G 4 -37.68 21.86 1.53
C MET G 4 -36.84 22.51 2.64
N GLN G 5 -35.95 21.73 3.23
CA GLN G 5 -35.16 22.17 4.39
C GLN G 5 -33.72 21.65 4.33
N ILE G 6 -32.77 22.50 4.73
CA ILE G 6 -31.34 22.17 4.63
C ILE G 6 -30.48 22.67 5.81
N PHE G 7 -29.18 22.36 5.76
CA PHE G 7 -28.23 22.62 6.85
C PHE G 7 -27.16 23.67 6.57
N VAL G 8 -26.74 24.30 7.66
CA VAL G 8 -25.69 25.32 7.69
C VAL G 8 -24.78 25.03 8.88
N LYS G 9 -23.48 24.88 8.62
CA LYS G 9 -22.53 24.39 9.62
C LYS G 9 -21.42 25.40 9.89
N THR G 10 -21.44 26.00 11.08
CA THR G 10 -20.40 26.93 11.48
C THR G 10 -19.10 26.20 11.85
N LEU G 11 -17.99 26.94 11.84
CA LEU G 11 -16.69 26.37 12.16
C LEU G 11 -16.59 26.00 13.63
N THR G 12 -17.40 26.64 14.46
CA THR G 12 -17.36 26.41 15.90
C THR G 12 -17.88 25.00 16.20
N GLY G 13 -18.63 24.45 15.26
CA GLY G 13 -19.18 23.11 15.38
C GLY G 13 -20.68 23.11 15.50
N LYS G 14 -21.25 24.26 15.84
CA LYS G 14 -22.69 24.38 16.02
C LYS G 14 -23.33 24.18 14.64
N THR G 15 -24.50 23.55 14.59
CA THR G 15 -25.15 23.25 13.31
C THR G 15 -26.60 23.74 13.30
N ILE G 16 -26.92 24.56 12.31
CA ILE G 16 -28.26 25.11 12.14
C ILE G 16 -28.95 24.70 10.85
N THR G 17 -30.27 24.56 10.91
CA THR G 17 -31.09 24.16 9.75
C THR G 17 -32.01 25.29 9.28
N LEU G 18 -32.00 25.54 7.97
CA LEU G 18 -32.86 26.57 7.36
C LEU G 18 -33.94 25.97 6.47
N GLU G 19 -35.12 26.59 6.56
CA GLU G 19 -36.28 26.24 5.75
C GLU G 19 -36.29 27.17 4.53
N VAL G 20 -36.11 26.60 3.35
CA VAL G 20 -35.96 27.40 2.14
C VAL G 20 -36.63 26.65 0.97
N GLU G 21 -36.68 27.24 -0.21
CA GLU G 21 -37.17 26.56 -1.41
C GLU G 21 -36.12 26.58 -2.50
N PRO G 22 -36.18 25.63 -3.45
CA PRO G 22 -35.17 25.61 -4.52
C PRO G 22 -35.09 26.90 -5.33
N SER G 23 -36.19 27.63 -5.40
CA SER G 23 -36.24 28.86 -6.19
C SER G 23 -35.59 30.03 -5.45
N ASP G 24 -35.43 29.89 -4.14
CA ASP G 24 -34.87 30.98 -3.35
C ASP G 24 -33.43 31.29 -3.70
N THR G 25 -33.11 32.56 -3.51
CA THR G 25 -31.80 33.11 -3.80
C THR G 25 -31.03 33.19 -2.50
N ILE G 26 -29.70 33.10 -2.59
CA ILE G 26 -28.82 33.07 -1.44
C ILE G 26 -29.16 34.24 -0.51
N GLU G 27 -29.72 35.31 -1.07
CA GLU G 27 -30.21 36.42 -0.25
C GLU G 27 -31.12 35.92 0.85
N ASN G 28 -32.09 35.08 0.48
CA ASN G 28 -33.01 34.51 1.45
C ASN G 28 -32.31 33.67 2.53
N VAL G 29 -31.45 32.75 2.11
CA VAL G 29 -30.72 31.87 3.02
C VAL G 29 -29.84 32.69 3.98
N LYS G 30 -29.01 33.56 3.40
CA LYS G 30 -28.13 34.44 4.17
C LYS G 30 -28.98 35.27 5.11
N ALA G 31 -30.15 35.70 4.61
CA ALA G 31 -31.07 36.46 5.43
C ALA G 31 -31.68 35.64 6.57
N LYS G 32 -32.02 34.38 6.33
CA LYS G 32 -32.58 33.57 7.41
C LYS G 32 -31.50 33.30 8.46
N ILE G 33 -30.28 33.02 8.03
CA ILE G 33 -29.19 32.81 8.98
C ILE G 33 -28.94 34.08 9.77
N GLN G 34 -29.01 35.20 9.08
CA GLN G 34 -28.92 36.49 9.74
C GLN G 34 -30.03 36.64 10.77
N ASP G 35 -31.26 36.29 10.40
CA ASP G 35 -32.39 36.36 11.32
C ASP G 35 -32.22 35.45 12.53
N LYS G 36 -31.73 34.24 12.30
CA LYS G 36 -31.58 33.27 13.40
C LYS G 36 -30.43 33.63 14.30
N GLU G 37 -29.22 33.53 13.76
CA GLU G 37 -28.00 33.65 14.56
C GLU G 37 -27.35 35.03 14.57
N GLY G 38 -27.78 35.93 13.69
CA GLY G 38 -27.29 37.31 13.76
C GLY G 38 -26.15 37.71 12.85
N ILE G 39 -25.66 36.82 12.01
CA ILE G 39 -24.51 37.16 11.15
C ILE G 39 -24.94 38.10 10.01
N PRO G 40 -24.31 39.28 9.89
CA PRO G 40 -24.69 40.21 8.82
C PRO G 40 -24.44 39.63 7.42
N PRO G 41 -25.26 40.02 6.42
CA PRO G 41 -25.11 39.43 5.08
C PRO G 41 -23.77 39.66 4.39
N ASP G 42 -23.10 40.77 4.67
CA ASP G 42 -21.85 41.12 3.98
C ASP G 42 -20.72 40.11 4.22
N GLN G 43 -20.46 39.78 5.48
CA GLN G 43 -19.33 38.91 5.79
C GLN G 43 -19.64 37.44 5.50
N GLN G 44 -20.91 37.12 5.24
CA GLN G 44 -21.26 35.72 5.11
C GLN G 44 -20.70 35.13 3.83
N ARG G 45 -20.04 33.98 3.95
CA ARG G 45 -19.73 33.20 2.76
C ARG G 45 -20.11 31.74 2.94
N LEU G 46 -21.08 31.29 2.15
CA LEU G 46 -21.58 29.93 2.24
C LEU G 46 -20.90 29.09 1.17
N ILE G 47 -20.48 27.88 1.55
CA ILE G 47 -19.86 26.94 0.62
C ILE G 47 -20.60 25.62 0.59
N PHE G 48 -20.81 25.13 -0.63
CA PHE G 48 -21.38 23.80 -0.86
C PHE G 48 -20.48 23.08 -1.84
N ALA G 49 -19.96 21.93 -1.43
CA ALA G 49 -19.09 21.12 -2.27
C ALA G 49 -17.90 21.95 -2.76
N GLY G 50 -17.41 22.86 -1.91
CA GLY G 50 -16.21 23.62 -2.22
C GLY G 50 -16.42 24.70 -3.25
N LYS G 51 -17.65 25.21 -3.35
CA LYS G 51 -17.97 26.29 -4.29
C LYS G 51 -18.75 27.42 -3.65
N GLN G 52 -18.31 28.65 -3.90
CA GLN G 52 -19.01 29.84 -3.47
C GLN G 52 -20.41 29.89 -4.09
N LEU G 53 -21.42 30.06 -3.26
CA LEU G 53 -22.79 30.13 -3.75
C LEU G 53 -23.02 31.58 -4.12
N GLU G 54 -23.47 31.83 -5.35
CA GLU G 54 -23.70 33.19 -5.81
C GLU G 54 -25.07 33.71 -5.43
N ASP G 55 -25.07 34.96 -4.98
CA ASP G 55 -26.27 35.57 -4.40
C ASP G 55 -27.43 35.60 -5.37
N GLY G 56 -27.14 35.90 -6.63
CA GLY G 56 -28.17 36.02 -7.65
C GLY G 56 -28.77 34.68 -8.01
N ARG G 57 -27.95 33.63 -7.95
CA ARG G 57 -28.35 32.29 -8.37
C ARG G 57 -29.28 31.64 -7.37
N THR G 58 -29.95 30.57 -7.81
CA THR G 58 -30.90 29.85 -6.98
C THR G 58 -30.38 28.45 -6.70
N LEU G 59 -31.09 27.72 -5.84
CA LEU G 59 -30.67 26.40 -5.41
C LEU G 59 -30.72 25.32 -6.51
N SER G 60 -31.72 25.40 -7.40
CA SER G 60 -31.91 24.34 -8.39
C SER G 60 -30.81 24.22 -9.45
N ASP G 61 -30.24 25.34 -9.88
CA ASP G 61 -29.17 25.30 -10.89
C ASP G 61 -27.88 24.75 -10.30
N TYR G 62 -27.67 24.98 -9.00
CA TYR G 62 -26.46 24.53 -8.33
C TYR G 62 -26.64 23.12 -7.74
N ASN G 63 -27.81 22.54 -7.97
CA ASN G 63 -28.11 21.17 -7.55
C ASN G 63 -28.03 20.95 -6.03
N ILE G 64 -28.73 21.80 -5.27
CA ILE G 64 -28.82 21.63 -3.83
C ILE G 64 -30.11 20.89 -3.52
N GLN G 65 -29.99 19.68 -2.99
CA GLN G 65 -31.16 18.88 -2.68
C GLN G 65 -31.59 19.16 -1.24
N LYS G 66 -32.65 18.52 -0.80
CA LYS G 66 -33.05 18.59 0.60
C LYS G 66 -31.98 17.93 1.46
N GLU G 67 -31.76 18.49 2.64
CA GLU G 67 -30.73 18.03 3.57
C GLU G 67 -29.30 18.17 3.05
N SER G 68 -29.07 19.08 2.11
CA SER G 68 -27.71 19.40 1.73
C SER G 68 -27.08 20.19 2.87
N THR G 69 -25.75 20.26 2.91
CA THR G 69 -25.06 21.00 3.97
C THR G 69 -24.17 22.10 3.42
N LEU G 70 -24.52 23.34 3.76
CA LEU G 70 -23.65 24.49 3.51
C LEU G 70 -22.76 24.74 4.70
N HIS G 71 -21.51 25.09 4.43
CA HIS G 71 -20.63 25.59 5.46
C HIS G 71 -20.57 27.11 5.39
N LEU G 72 -20.94 27.77 6.48
CA LEU G 72 -20.74 29.21 6.59
C LEU G 72 -19.31 29.49 7.00
N VAL G 73 -18.71 30.46 6.34
CA VAL G 73 -17.39 30.97 6.73
C VAL G 73 -17.41 32.49 6.70
N LEU G 74 -16.48 33.05 7.49
CA LEU G 74 -16.25 34.49 7.61
C LEU G 74 -15.25 34.75 8.72
N MET H 4 -42.82 -25.85 -2.61
CA MET H 4 -41.55 -25.10 -2.37
C MET H 4 -41.81 -23.92 -1.46
N GLN H 5 -40.76 -23.52 -0.74
CA GLN H 5 -40.87 -22.49 0.28
C GLN H 5 -39.64 -21.60 0.29
N ILE H 6 -39.82 -20.29 0.49
CA ILE H 6 -38.70 -19.36 0.53
C ILE H 6 -38.89 -18.32 1.62
N PHE H 7 -37.83 -17.54 1.85
CA PHE H 7 -37.81 -16.57 2.94
C PHE H 7 -37.61 -15.18 2.36
N VAL H 8 -38.23 -14.18 2.99
CA VAL H 8 -38.04 -12.78 2.57
C VAL H 8 -37.81 -11.92 3.80
N LYS H 9 -36.76 -11.09 3.75
CA LYS H 9 -36.25 -10.37 4.91
C LYS H 9 -36.38 -8.86 4.75
N THR H 10 -37.30 -8.27 5.51
CA THR H 10 -37.50 -6.82 5.49
C THR H 10 -36.34 -6.15 6.22
N LEU H 11 -36.28 -4.83 6.11
CA LEU H 11 -35.20 -4.08 6.72
C LEU H 11 -35.30 -4.11 8.24
N THR H 12 -36.50 -4.35 8.76
CA THR H 12 -36.72 -4.37 10.19
C THR H 12 -36.07 -5.61 10.83
N GLY H 13 -35.84 -6.63 10.02
CA GLY H 13 -35.23 -7.86 10.48
C GLY H 13 -36.21 -9.03 10.52
N LYS H 14 -37.50 -8.74 10.53
CA LYS H 14 -38.52 -9.79 10.54
C LYS H 14 -38.45 -10.55 9.22
N THR H 15 -38.81 -11.83 9.27
CA THR H 15 -38.71 -12.71 8.13
C THR H 15 -40.05 -13.32 7.82
N ILE H 16 -40.38 -13.27 6.54
CA ILE H 16 -41.62 -13.85 6.06
C ILE H 16 -41.31 -15.11 5.26
N THR H 17 -42.22 -16.08 5.38
CA THR H 17 -42.11 -17.37 4.71
C THR H 17 -43.18 -17.49 3.64
N LEU H 18 -42.77 -17.66 2.38
CA LEU H 18 -43.72 -17.79 1.27
C LEU H 18 -43.60 -19.08 0.45
N GLU H 19 -44.75 -19.55 -0.03
CA GLU H 19 -44.82 -20.74 -0.88
C GLU H 19 -44.77 -20.32 -2.35
N VAL H 20 -43.76 -20.78 -3.08
CA VAL H 20 -43.55 -20.34 -4.47
C VAL H 20 -43.15 -21.52 -5.35
N GLU H 21 -42.97 -21.26 -6.64
CA GLU H 21 -42.43 -22.26 -7.57
C GLU H 21 -41.29 -21.67 -8.41
N PRO H 22 -40.41 -22.52 -8.95
CA PRO H 22 -39.32 -22.04 -9.81
C PRO H 22 -39.83 -21.25 -11.00
N SER H 23 -41.06 -21.53 -11.41
CA SER H 23 -41.63 -20.93 -12.61
C SER H 23 -42.07 -19.48 -12.42
N ASP H 24 -42.23 -19.05 -11.17
CA ASP H 24 -42.69 -17.71 -10.91
C ASP H 24 -41.64 -16.73 -11.40
N THR H 25 -42.08 -15.55 -11.81
CA THR H 25 -41.16 -14.49 -12.24
C THR H 25 -41.13 -13.53 -11.06
N ILE H 26 -40.01 -12.84 -10.85
CA ILE H 26 -39.87 -11.97 -9.69
C ILE H 26 -41.05 -11.00 -9.54
N GLU H 27 -41.64 -10.58 -10.66
CA GLU H 27 -42.85 -9.78 -10.60
C GLU H 27 -43.97 -10.53 -9.85
N ASN H 28 -44.15 -11.82 -10.13
CA ASN H 28 -45.16 -12.63 -9.44
C ASN H 28 -44.94 -12.63 -7.91
N VAL H 29 -43.68 -12.88 -7.51
CA VAL H 29 -43.31 -12.91 -6.10
C VAL H 29 -43.66 -11.54 -5.52
N LYS H 30 -43.25 -10.49 -6.23
CA LYS H 30 -43.56 -9.13 -5.81
C LYS H 30 -45.06 -8.94 -5.62
N ALA H 31 -45.84 -9.54 -6.52
CA ALA H 31 -47.29 -9.46 -6.39
C ALA H 31 -47.76 -10.18 -5.11
N LYS H 32 -47.16 -11.32 -4.79
CA LYS H 32 -47.51 -12.02 -3.55
C LYS H 32 -47.08 -11.25 -2.29
N ILE H 33 -45.91 -10.62 -2.33
CA ILE H 33 -45.45 -9.81 -1.19
C ILE H 33 -46.33 -8.59 -1.01
N GLN H 34 -46.76 -7.97 -2.11
CA GLN H 34 -47.73 -6.89 -2.02
C GLN H 34 -49.01 -7.42 -1.40
N ASP H 35 -49.43 -8.59 -1.89
CA ASP H 35 -50.66 -9.20 -1.43
C ASP H 35 -50.60 -9.48 0.07
N LYS H 36 -49.45 -9.96 0.55
CA LYS H 36 -49.35 -10.25 1.98
C LYS H 36 -49.17 -8.98 2.82
N GLU H 37 -48.07 -8.25 2.64
CA GLU H 37 -47.77 -7.16 3.59
C GLU H 37 -48.27 -5.77 3.20
N GLY H 38 -48.69 -5.58 1.96
CA GLY H 38 -49.31 -4.32 1.56
C GLY H 38 -48.40 -3.33 0.86
N ILE H 39 -47.12 -3.66 0.70
CA ILE H 39 -46.19 -2.76 0.03
C ILE H 39 -46.41 -2.86 -1.48
N PRO H 40 -46.64 -1.72 -2.17
CA PRO H 40 -46.87 -1.80 -3.62
C PRO H 40 -45.69 -2.39 -4.41
N PRO H 41 -45.97 -3.13 -5.51
CA PRO H 41 -44.90 -3.78 -6.26
C PRO H 41 -43.86 -2.84 -6.84
N ASP H 42 -44.27 -1.62 -7.16
CA ASP H 42 -43.37 -0.65 -7.76
C ASP H 42 -42.25 -0.31 -6.77
N GLN H 43 -42.64 -0.09 -5.52
CA GLN H 43 -41.74 0.35 -4.45
C GLN H 43 -40.84 -0.79 -3.93
N GLN H 44 -41.18 -2.03 -4.26
CA GLN H 44 -40.49 -3.23 -3.80
C GLN H 44 -39.17 -3.52 -4.51
N ARG H 45 -38.09 -3.74 -3.75
CA ARG H 45 -36.83 -4.24 -4.34
C ARG H 45 -36.23 -5.41 -3.55
N LEU H 46 -36.19 -6.56 -4.21
CA LEU H 46 -35.72 -7.82 -3.62
C LEU H 46 -34.26 -8.11 -3.94
N ILE H 47 -33.52 -8.61 -2.95
CA ILE H 47 -32.11 -8.96 -3.14
C ILE H 47 -31.80 -10.41 -2.76
N PHE H 48 -31.03 -11.10 -3.61
CA PHE H 48 -30.59 -12.47 -3.34
C PHE H 48 -29.08 -12.60 -3.57
N ALA H 49 -28.36 -12.98 -2.52
CA ALA H 49 -26.92 -13.19 -2.60
C ALA H 49 -26.19 -11.96 -3.15
N GLY H 50 -26.68 -10.79 -2.77
CA GLY H 50 -26.04 -9.55 -3.15
C GLY H 50 -26.30 -9.13 -4.58
N LYS H 51 -27.44 -9.55 -5.13
CA LYS H 51 -27.87 -9.18 -6.47
C LYS H 51 -29.30 -8.67 -6.54
N GLN H 52 -29.48 -7.54 -7.22
CA GLN H 52 -30.82 -7.03 -7.52
C GLN H 52 -31.53 -8.01 -8.45
N LEU H 53 -32.73 -8.42 -8.05
CA LEU H 53 -33.50 -9.40 -8.82
C LEU H 53 -34.40 -8.70 -9.84
N GLU H 54 -34.34 -9.16 -11.09
CA GLU H 54 -35.10 -8.56 -12.19
C GLU H 54 -36.52 -9.11 -12.30
N ASP H 55 -37.46 -8.20 -12.56
CA ASP H 55 -38.87 -8.53 -12.58
C ASP H 55 -39.21 -9.63 -13.59
N GLY H 56 -38.61 -9.55 -14.77
CA GLY H 56 -38.95 -10.46 -15.86
C GLY H 56 -38.49 -11.90 -15.70
N ARG H 57 -37.30 -12.10 -15.15
CA ARG H 57 -36.73 -13.44 -15.03
C ARG H 57 -37.42 -14.23 -13.93
N THR H 58 -37.05 -15.50 -13.81
CA THR H 58 -37.68 -16.40 -12.85
C THR H 58 -36.69 -16.87 -11.79
N LEU H 59 -37.25 -17.47 -10.75
CA LEU H 59 -36.49 -17.91 -9.59
C LEU H 59 -35.51 -19.00 -10.01
N SER H 60 -35.94 -19.80 -10.98
CA SER H 60 -35.12 -20.91 -11.47
C SER H 60 -33.87 -20.37 -12.15
N ASP H 61 -33.97 -19.20 -12.77
CA ASP H 61 -32.83 -18.60 -13.47
C ASP H 61 -31.76 -18.16 -12.48
N TYR H 62 -32.20 -17.72 -11.32
CA TYR H 62 -31.30 -17.23 -10.29
C TYR H 62 -30.93 -18.40 -9.37
N ASN H 63 -31.46 -19.58 -9.68
CA ASN H 63 -31.18 -20.81 -8.96
C ASN H 63 -31.58 -20.73 -7.48
N ILE H 64 -32.84 -20.36 -7.25
CA ILE H 64 -33.38 -20.30 -5.88
C ILE H 64 -34.05 -21.61 -5.55
N GLN H 65 -33.44 -22.33 -4.62
CA GLN H 65 -33.96 -23.60 -4.17
C GLN H 65 -34.84 -23.38 -2.95
N LYS H 66 -35.25 -24.48 -2.34
CA LYS H 66 -36.13 -24.46 -1.17
C LYS H 66 -35.47 -23.80 0.05
N GLU H 67 -36.24 -22.94 0.71
CA GLU H 67 -35.84 -22.25 1.94
C GLU H 67 -34.70 -21.23 1.76
N SER H 68 -34.58 -20.66 0.56
CA SER H 68 -33.65 -19.55 0.31
C SER H 68 -34.14 -18.25 0.95
N THR H 69 -33.23 -17.28 1.09
CA THR H 69 -33.56 -15.98 1.68
C THR H 69 -33.30 -14.78 0.77
N LEU H 70 -34.37 -14.09 0.42
CA LEU H 70 -34.30 -12.78 -0.22
C LEU H 70 -34.37 -11.69 0.84
N HIS H 71 -33.63 -10.60 0.66
CA HIS H 71 -33.83 -9.41 1.50
C HIS H 71 -34.68 -8.40 0.74
N LEU H 72 -35.80 -8.01 1.34
CA LEU H 72 -36.62 -6.95 0.81
C LEU H 72 -36.02 -5.59 1.17
N VAL H 73 -36.08 -4.66 0.21
CA VAL H 73 -35.72 -3.28 0.45
C VAL H 73 -36.89 -2.46 -0.10
N LEU H 74 -37.06 -1.25 0.40
CA LEU H 74 -38.17 -0.39 0.04
C LEU H 74 -37.64 0.92 -0.50
N ARG H 75 -38.51 1.67 -1.18
CA ARG H 75 -38.08 2.94 -1.78
C ARG H 75 -38.32 4.06 -0.79
N LEU H 76 -37.22 4.61 -0.29
CA LEU H 76 -37.25 5.61 0.77
C LEU H 76 -36.94 7.00 0.24
N ARG H 77 -37.75 8.01 0.58
CA ARG H 77 -39.15 7.87 0.96
C ARG H 77 -39.95 8.99 0.33
N GLY H 78 -39.68 10.19 0.82
CA GLY H 78 -40.34 11.41 0.36
C GLY H 78 -39.35 12.50 0.00
N MET I 4 -9.50 -36.55 -22.86
CA MET I 4 -9.28 -35.15 -23.37
C MET I 4 -10.56 -34.29 -23.30
N GLN I 5 -10.65 -33.35 -22.34
CA GLN I 5 -11.88 -32.55 -22.07
C GLN I 5 -11.74 -31.02 -21.59
N ILE I 6 -12.62 -30.11 -22.08
CA ILE I 6 -12.55 -28.62 -21.82
C ILE I 6 -13.94 -27.83 -21.71
N PHE I 7 -14.02 -26.47 -21.50
CA PHE I 7 -15.14 -26.00 -20.67
C PHE I 7 -16.17 -24.95 -21.29
N VAL I 8 -17.36 -25.00 -20.74
CA VAL I 8 -18.31 -24.09 -21.27
C VAL I 8 -18.84 -23.37 -20.07
N LYS I 9 -18.60 -22.06 -20.05
CA LYS I 9 -18.70 -21.39 -18.79
C LYS I 9 -19.54 -20.29 -19.24
N THR I 10 -20.82 -20.33 -18.89
CA THR I 10 -21.63 -19.26 -19.39
C THR I 10 -21.08 -18.11 -18.60
N LEU I 11 -21.30 -16.93 -19.13
CA LEU I 11 -20.71 -15.80 -18.52
C LEU I 11 -21.20 -15.69 -17.09
N THR I 12 -22.37 -16.25 -16.78
CA THR I 12 -22.87 -16.12 -15.42
C THR I 12 -22.19 -17.07 -14.42
N GLY I 13 -22.79 -18.22 -14.16
CA GLY I 13 -22.18 -19.21 -13.30
C GLY I 13 -22.04 -20.64 -13.77
N LYS I 14 -22.83 -21.06 -14.77
CA LYS I 14 -22.82 -22.47 -15.12
C LYS I 14 -21.52 -22.91 -15.77
N THR I 15 -21.12 -24.12 -15.41
CA THR I 15 -19.89 -24.71 -15.91
C THR I 15 -20.23 -26.09 -16.42
N ILE I 16 -19.97 -26.34 -17.69
CA ILE I 16 -20.16 -27.67 -18.23
C ILE I 16 -18.83 -28.17 -18.77
N THR I 17 -18.69 -29.50 -18.71
CA THR I 17 -17.49 -30.21 -19.11
C THR I 17 -17.70 -30.97 -20.41
N LEU I 18 -16.87 -30.72 -21.42
CA LEU I 18 -16.99 -31.45 -22.70
C LEU I 18 -15.76 -32.30 -23.06
N GLU I 19 -16.05 -33.47 -23.62
CA GLU I 19 -15.06 -34.43 -24.12
C GLU I 19 -14.81 -34.24 -25.61
N VAL I 20 -13.55 -33.92 -25.93
CA VAL I 20 -13.17 -33.54 -27.29
C VAL I 20 -11.85 -34.18 -27.69
N GLU I 21 -11.42 -33.91 -28.92
CA GLU I 21 -10.10 -34.36 -29.40
C GLU I 21 -9.29 -33.18 -29.96
N PRO I 22 -7.95 -33.32 -30.00
CA PRO I 22 -7.11 -32.25 -30.53
C PRO I 22 -7.44 -31.88 -31.98
N SER I 23 -7.92 -32.86 -32.74
CA SER I 23 -8.22 -32.67 -34.16
C SER I 23 -9.56 -31.97 -34.41
N ASP I 24 -10.40 -31.91 -33.38
CA ASP I 24 -11.74 -31.35 -33.54
C ASP I 24 -11.78 -29.88 -33.93
N THR I 25 -12.85 -29.55 -34.65
CA THR I 25 -13.09 -28.21 -35.17
C THR I 25 -14.09 -27.50 -34.27
N ILE I 26 -13.99 -26.18 -34.17
CA ILE I 26 -14.86 -25.41 -33.30
C ILE I 26 -16.34 -25.74 -33.60
N GLU I 27 -16.61 -26.05 -34.86
CA GLU I 27 -17.93 -26.52 -35.29
C GLU I 27 -18.32 -27.73 -34.46
N ASN I 28 -17.39 -28.67 -34.32
CA ASN I 28 -17.64 -29.87 -33.54
C ASN I 28 -18.04 -29.46 -32.13
N VAL I 29 -17.24 -28.59 -31.51
CA VAL I 29 -17.49 -28.19 -30.14
C VAL I 29 -18.87 -27.55 -29.96
N LYS I 30 -19.16 -26.54 -30.77
CA LYS I 30 -20.45 -25.87 -30.67
C LYS I 30 -21.60 -26.87 -30.93
N ALA I 31 -21.39 -27.78 -31.86
CA ALA I 31 -22.39 -28.81 -32.15
C ALA I 31 -22.57 -29.75 -30.95
N LYS I 32 -21.46 -30.07 -30.29
CA LYS I 32 -21.49 -30.89 -29.09
C LYS I 32 -22.19 -30.11 -27.98
N ILE I 33 -22.01 -28.79 -27.97
CA ILE I 33 -22.73 -27.92 -27.04
C ILE I 33 -24.22 -27.93 -27.34
N GLN I 34 -24.56 -27.94 -28.61
CA GLN I 34 -25.95 -28.09 -29.01
C GLN I 34 -26.46 -29.42 -28.49
N ASP I 35 -25.66 -30.47 -28.66
CA ASP I 35 -26.04 -31.79 -28.16
C ASP I 35 -26.24 -31.80 -26.65
N LYS I 36 -25.32 -31.18 -25.90
CA LYS I 36 -25.41 -31.21 -24.44
C LYS I 36 -26.49 -30.23 -23.93
N GLU I 37 -26.31 -28.93 -24.16
CA GLU I 37 -27.20 -27.94 -23.52
C GLU I 37 -28.42 -27.51 -24.37
N GLY I 38 -28.42 -27.81 -25.67
CA GLY I 38 -29.58 -27.59 -26.51
C GLY I 38 -29.61 -26.26 -27.25
N ILE I 39 -28.62 -25.40 -26.98
CA ILE I 39 -28.56 -24.08 -27.65
C ILE I 39 -27.94 -24.22 -29.03
N PRO I 40 -28.63 -23.72 -30.07
CA PRO I 40 -28.05 -23.82 -31.41
C PRO I 40 -26.72 -23.07 -31.54
N PRO I 41 -25.84 -23.51 -32.45
CA PRO I 41 -24.54 -22.87 -32.64
C PRO I 41 -24.65 -21.39 -33.03
N ASP I 42 -25.80 -20.98 -33.56
CA ASP I 42 -25.98 -19.63 -34.08
C ASP I 42 -25.71 -18.51 -33.07
N GLN I 43 -26.34 -18.58 -31.90
CA GLN I 43 -26.21 -17.52 -30.93
C GLN I 43 -24.91 -17.64 -30.13
N GLN I 44 -24.27 -18.81 -30.23
CA GLN I 44 -23.10 -19.11 -29.43
C GLN I 44 -21.81 -18.46 -29.95
N ARG I 45 -21.06 -17.88 -29.01
CA ARG I 45 -19.70 -17.42 -29.24
C ARG I 45 -18.73 -17.96 -28.18
N LEU I 46 -17.76 -18.74 -28.65
CA LEU I 46 -16.75 -19.34 -27.79
C LEU I 46 -15.57 -18.41 -27.72
N ILE I 47 -15.07 -18.16 -26.51
CA ILE I 47 -13.89 -17.34 -26.38
C ILE I 47 -12.86 -18.05 -25.48
N PHE I 48 -11.62 -17.98 -25.95
CA PHE I 48 -10.45 -18.52 -25.26
C PHE I 48 -9.37 -17.46 -25.18
N ALA I 49 -9.00 -17.10 -23.96
CA ALA I 49 -7.96 -16.11 -23.72
C ALA I 49 -8.26 -14.80 -24.44
N GLY I 50 -9.54 -14.43 -24.48
CA GLY I 50 -9.97 -13.16 -25.04
C GLY I 50 -9.97 -13.11 -26.56
N LYS I 51 -10.15 -14.26 -27.19
CA LYS I 51 -10.21 -14.34 -28.65
C LYS I 51 -11.46 -15.08 -29.11
N GLN I 52 -12.26 -14.45 -29.97
CA GLN I 52 -13.41 -15.12 -30.55
C GLN I 52 -12.94 -16.25 -31.47
N LEU I 53 -13.44 -17.45 -31.23
CA LEU I 53 -13.01 -18.62 -31.99
C LEU I 53 -13.86 -18.80 -33.24
N GLU I 54 -13.20 -18.95 -34.40
CA GLU I 54 -13.91 -19.14 -35.65
C GLU I 54 -14.21 -20.62 -35.87
N ASP I 55 -15.38 -20.90 -36.40
CA ASP I 55 -15.88 -22.27 -36.53
C ASP I 55 -14.97 -23.20 -37.34
N GLY I 56 -14.36 -22.67 -38.40
CA GLY I 56 -13.58 -23.52 -39.31
C GLY I 56 -12.31 -24.09 -38.71
N ARG I 57 -11.64 -23.33 -37.84
CA ARG I 57 -10.35 -23.75 -37.31
C ARG I 57 -10.52 -24.89 -36.30
N THR I 58 -9.40 -25.44 -35.83
CA THR I 58 -9.44 -26.58 -34.92
C THR I 58 -8.89 -26.25 -33.52
N LEU I 59 -9.05 -27.19 -32.60
CA LEU I 59 -8.62 -26.98 -31.21
C LEU I 59 -7.10 -26.94 -31.07
N SER I 60 -6.43 -27.82 -31.80
CA SER I 60 -4.98 -27.91 -31.74
C SER I 60 -4.40 -26.66 -32.38
N ASP I 61 -5.13 -26.12 -33.34
CA ASP I 61 -4.70 -24.95 -34.08
C ASP I 61 -4.68 -23.73 -33.16
N TYR I 62 -5.61 -23.71 -32.20
CA TYR I 62 -5.73 -22.62 -31.23
C TYR I 62 -4.93 -22.91 -29.95
N ASN I 63 -4.19 -24.02 -29.96
CA ASN I 63 -3.31 -24.39 -28.85
C ASN I 63 -4.07 -24.63 -27.54
N ILE I 64 -5.15 -25.42 -27.62
CA ILE I 64 -5.96 -25.77 -26.45
C ILE I 64 -5.68 -27.20 -25.94
N GLN I 65 -5.08 -27.32 -24.76
CA GLN I 65 -4.80 -28.63 -24.17
C GLN I 65 -5.92 -29.07 -23.21
N LYS I 66 -5.68 -30.16 -22.51
CA LYS I 66 -6.67 -30.72 -21.58
C LYS I 66 -6.91 -29.74 -20.45
N GLU I 67 -8.18 -29.61 -20.08
CA GLU I 67 -8.60 -28.77 -18.97
C GLU I 67 -8.36 -27.29 -19.22
N SER I 68 -8.24 -26.91 -20.48
CA SER I 68 -8.25 -25.49 -20.78
C SER I 68 -9.67 -25.04 -20.63
N THR I 69 -9.86 -23.75 -20.45
CA THR I 69 -11.20 -23.24 -20.47
C THR I 69 -11.23 -22.30 -21.65
N LEU I 70 -11.90 -22.77 -22.70
CA LEU I 70 -12.57 -21.84 -23.55
C LEU I 70 -13.72 -21.89 -22.67
N HIS I 71 -14.30 -20.68 -22.62
CA HIS I 71 -15.57 -20.37 -22.07
C HIS I 71 -16.42 -20.40 -23.32
N LEU I 72 -17.48 -21.20 -23.40
CA LEU I 72 -18.63 -20.59 -24.16
C LEU I 72 -19.30 -19.44 -23.42
N VAL I 73 -19.66 -18.39 -24.23
CA VAL I 73 -20.55 -17.19 -24.03
C VAL I 73 -21.59 -17.08 -25.18
N LEU I 74 -22.70 -16.34 -25.01
CA LEU I 74 -23.67 -16.12 -26.10
C LEU I 74 -23.62 -14.69 -26.65
N MET J 4 26.37 -40.63 6.81
CA MET J 4 25.44 -39.45 6.81
C MET J 4 24.05 -39.86 6.36
N GLN J 5 23.08 -39.03 6.67
CA GLN J 5 21.67 -39.32 6.47
C GLN J 5 20.93 -38.14 5.87
N ILE J 6 19.98 -38.42 4.98
CA ILE J 6 19.21 -37.32 4.38
C ILE J 6 17.74 -37.68 4.30
N PHE J 7 16.92 -36.66 4.06
CA PHE J 7 15.49 -36.80 4.05
C PHE J 7 14.95 -36.39 2.69
N VAL J 8 13.91 -37.06 2.22
CA VAL J 8 13.26 -36.68 0.98
C VAL J 8 11.75 -36.74 1.16
N LYS J 9 11.06 -35.67 0.80
CA LYS J 9 9.64 -35.54 1.13
C LYS J 9 8.88 -35.65 -0.18
N THR J 10 8.20 -36.77 -0.33
CA THR J 10 7.42 -37.05 -1.52
C THR J 10 6.21 -36.16 -1.51
N LEU J 11 5.59 -35.98 -2.67
CA LEU J 11 4.46 -35.08 -2.75
C LEU J 11 3.29 -35.64 -1.94
N THR J 12 3.28 -36.95 -1.72
CA THR J 12 2.21 -37.58 -0.95
C THR J 12 2.27 -37.18 0.52
N GLY J 13 3.44 -36.74 0.95
CA GLY J 13 3.67 -36.31 2.32
C GLY J 13 4.64 -37.23 3.05
N LYS J 14 4.85 -38.42 2.49
CA LYS J 14 5.74 -39.38 3.12
C LYS J 14 7.12 -38.77 3.11
N THR J 15 7.91 -39.11 4.12
CA THR J 15 9.26 -38.59 4.24
C THR J 15 10.07 -39.87 4.22
N ILE J 16 11.04 -39.92 3.31
CA ILE J 16 11.85 -41.11 3.16
C ILE J 16 13.21 -40.72 3.69
N THR J 17 13.86 -41.67 4.35
CA THR J 17 15.15 -41.43 4.96
C THR J 17 16.21 -42.21 4.22
N LEU J 18 17.23 -41.54 3.72
CA LEU J 18 18.25 -42.22 2.96
C LEU J 18 19.62 -42.17 3.65
N GLU J 19 20.30 -43.30 3.61
CA GLU J 19 21.65 -43.46 4.13
C GLU J 19 22.63 -43.32 2.96
N VAL J 20 23.47 -42.28 2.96
CA VAL J 20 24.33 -41.98 1.82
C VAL J 20 25.71 -41.47 2.23
N GLU J 21 26.53 -41.14 1.23
CA GLU J 21 27.82 -40.50 1.45
C GLU J 21 27.86 -39.16 0.72
N PRO J 22 28.72 -38.22 1.18
CA PRO J 22 28.87 -36.94 0.49
C PRO J 22 29.36 -37.08 -0.94
N SER J 23 30.05 -38.18 -1.21
CA SER J 23 30.67 -38.41 -2.51
C SER J 23 29.66 -38.82 -3.58
N ASP J 24 28.48 -39.24 -3.15
CA ASP J 24 27.44 -39.71 -4.08
C ASP J 24 26.93 -38.62 -5.01
N THR J 25 26.49 -39.08 -6.18
CA THR J 25 25.96 -38.22 -7.23
C THR J 25 24.44 -38.31 -7.23
N ILE J 26 23.78 -37.25 -7.65
CA ILE J 26 22.32 -37.22 -7.65
C ILE J 26 21.74 -38.45 -8.35
N GLU J 27 22.44 -38.94 -9.37
CA GLU J 27 22.07 -40.19 -10.03
C GLU J 27 22.02 -41.34 -9.03
N ASN J 28 23.07 -41.46 -8.23
CA ASN J 28 23.17 -42.49 -7.22
C ASN J 28 21.96 -42.38 -6.29
N VAL J 29 21.70 -41.17 -5.82
CA VAL J 29 20.61 -40.89 -4.90
C VAL J 29 19.27 -41.35 -5.49
N LYS J 30 19.01 -40.93 -6.73
CA LYS J 30 17.77 -41.30 -7.42
C LYS J 30 17.66 -42.81 -7.51
N ALA J 31 18.79 -43.48 -7.78
CA ALA J 31 18.80 -44.94 -7.84
C ALA J 31 18.48 -45.55 -6.46
N LYS J 32 18.98 -44.93 -5.40
CA LYS J 32 18.67 -45.40 -4.06
C LYS J 32 17.17 -45.18 -3.79
N ILE J 33 16.63 -44.08 -4.31
CA ILE J 33 15.20 -43.82 -4.16
C ILE J 33 14.39 -44.86 -4.91
N GLN J 34 14.87 -45.26 -6.10
CA GLN J 34 14.23 -46.35 -6.82
C GLN J 34 14.30 -47.60 -5.96
N ASP J 35 15.47 -47.84 -5.36
CA ASP J 35 15.64 -49.00 -4.50
C ASP J 35 14.59 -49.00 -3.37
N LYS J 36 14.37 -47.86 -2.69
CA LYS J 36 13.34 -47.86 -1.66
C LYS J 36 11.90 -47.79 -2.19
N GLU J 37 11.51 -46.72 -2.91
CA GLU J 37 10.08 -46.59 -3.23
C GLU J 37 9.67 -47.17 -4.60
N GLY J 38 10.64 -47.49 -5.45
CA GLY J 38 10.34 -48.18 -6.70
C GLY J 38 10.14 -47.28 -7.90
N ILE J 39 10.23 -45.97 -7.69
CA ILE J 39 10.00 -45.01 -8.77
C ILE J 39 11.21 -44.90 -9.68
N PRO J 40 11.02 -45.10 -10.99
CA PRO J 40 12.19 -45.04 -11.89
C PRO J 40 12.85 -43.67 -11.88
N PRO J 41 14.18 -43.61 -12.06
CA PRO J 41 14.89 -42.33 -12.06
C PRO J 41 14.42 -41.38 -13.17
N ASP J 42 13.89 -41.94 -14.25
CA ASP J 42 13.48 -41.12 -15.39
C ASP J 42 12.41 -40.10 -14.96
N GLN J 43 11.39 -40.55 -14.22
CA GLN J 43 10.32 -39.65 -13.79
C GLN J 43 10.71 -38.81 -12.57
N GLN J 44 11.82 -39.15 -11.93
CA GLN J 44 12.23 -38.46 -10.68
C GLN J 44 12.81 -37.07 -10.90
N ARG J 45 12.32 -36.10 -10.13
CA ARG J 45 12.92 -34.77 -10.09
C ARG J 45 13.11 -34.27 -8.67
N LEU J 46 14.36 -34.12 -8.26
CA LEU J 46 14.69 -33.71 -6.89
C LEU J 46 15.01 -32.22 -6.81
N ILE J 47 14.48 -31.55 -5.79
CA ILE J 47 14.80 -30.14 -5.56
C ILE J 47 15.31 -29.95 -4.13
N PHE J 48 16.32 -29.10 -4.00
CA PHE J 48 16.89 -28.73 -2.70
C PHE J 48 16.95 -27.23 -2.53
N ALA J 49 16.21 -26.75 -1.53
CA ALA J 49 16.16 -25.33 -1.19
C ALA J 49 15.78 -24.48 -2.40
N GLY J 50 14.86 -24.99 -3.21
CA GLY J 50 14.34 -24.28 -4.37
C GLY J 50 15.26 -24.30 -5.58
N LYS J 51 16.09 -25.33 -5.68
CA LYS J 51 16.94 -25.55 -6.85
C LYS J 51 16.80 -26.97 -7.36
N GLN J 52 16.49 -27.13 -8.63
CA GLN J 52 16.50 -28.45 -9.25
C GLN J 52 17.93 -28.97 -9.33
N LEU J 53 18.14 -30.19 -8.85
CA LEU J 53 19.46 -30.79 -8.75
C LEU J 53 19.85 -31.47 -10.05
N GLU J 54 21.06 -31.17 -10.54
CA GLU J 54 21.52 -31.75 -11.79
C GLU J 54 22.11 -33.13 -11.51
N ASP J 55 21.85 -34.07 -12.42
CA ASP J 55 22.22 -35.47 -12.24
C ASP J 55 23.72 -35.67 -12.05
N GLY J 56 24.51 -34.90 -12.77
CA GLY J 56 25.96 -35.05 -12.76
C GLY J 56 26.64 -34.63 -11.46
N ARG J 57 26.11 -33.60 -10.82
CA ARG J 57 26.74 -33.07 -9.61
C ARG J 57 26.57 -33.99 -8.41
N THR J 58 27.35 -33.71 -7.36
CA THR J 58 27.37 -34.55 -6.17
C THR J 58 26.90 -33.79 -4.94
N LEU J 59 26.67 -34.50 -3.84
CA LEU J 59 26.15 -33.90 -2.62
C LEU J 59 27.15 -32.91 -2.05
N SER J 60 28.43 -33.24 -2.14
CA SER J 60 29.47 -32.37 -1.63
C SER J 60 29.54 -31.10 -2.47
N ASP J 61 29.23 -31.25 -3.76
CA ASP J 61 29.25 -30.14 -4.70
C ASP J 61 28.10 -29.18 -4.42
N TYR J 62 26.99 -29.74 -3.96
CA TYR J 62 25.81 -28.95 -3.65
C TYR J 62 25.77 -28.46 -2.20
N ASN J 63 26.77 -28.80 -1.41
CA ASN J 63 26.79 -28.38 -0.02
C ASN J 63 25.55 -28.94 0.69
N ILE J 64 25.30 -30.23 0.48
CA ILE J 64 24.20 -30.90 1.16
C ILE J 64 24.82 -31.68 2.29
N GLN J 65 24.57 -31.23 3.51
CA GLN J 65 25.13 -31.86 4.69
C GLN J 65 24.11 -32.84 5.24
N LYS J 66 24.41 -33.38 6.42
CA LYS J 66 23.56 -34.37 7.06
C LYS J 66 22.23 -33.75 7.46
N GLU J 67 21.14 -34.48 7.23
CA GLU J 67 19.79 -34.07 7.63
C GLU J 67 19.24 -32.87 6.86
N SER J 68 19.74 -32.62 5.66
CA SER J 68 19.12 -31.66 4.75
C SER J 68 17.90 -32.34 4.13
N THR J 69 16.96 -31.55 3.60
CA THR J 69 15.74 -32.12 3.00
C THR J 69 15.57 -31.78 1.52
N LEU J 70 15.57 -32.83 0.70
CA LEU J 70 15.22 -32.72 -0.71
C LEU J 70 13.72 -32.98 -0.90
N HIS J 71 13.10 -32.29 -1.83
CA HIS J 71 11.74 -32.65 -2.26
C HIS J 71 11.77 -33.42 -3.58
N LEU J 72 11.18 -34.62 -3.55
CA LEU J 72 10.97 -35.41 -4.76
C LEU J 72 9.75 -34.90 -5.51
N VAL J 73 9.86 -34.82 -6.83
CA VAL J 73 8.76 -34.48 -7.71
C VAL J 73 8.72 -35.51 -8.83
N LEU J 74 7.56 -35.66 -9.48
CA LEU J 74 7.39 -36.62 -10.57
C LEU J 74 6.83 -35.91 -11.79
N ARG J 75 6.85 -36.57 -12.94
CA ARG J 75 6.34 -36.00 -14.19
C ARG J 75 4.82 -36.13 -14.32
N LEU J 76 4.27 -37.22 -13.79
CA LEU J 76 2.82 -37.46 -13.78
C LEU J 76 2.31 -37.65 -15.20
#